data_6F5E
#
_entry.id   6F5E
#
_cell.length_a   76.995
_cell.length_b   76.995
_cell.length_c   330.725
_cell.angle_alpha   90.00
_cell.angle_beta   90.00
_cell.angle_gamma   120.00
#
_symmetry.space_group_name_H-M   'P 65'
#
loop_
_entity.id
_entity.type
_entity.pdbx_description
1 polymer DD_D12_10_47
2 polymer 'Mitogen-activated protein kinase 8'
3 polymer 'C-Jun-amino-terminal kinase-interacting protein 1'
#
loop_
_entity_poly.entity_id
_entity_poly.type
_entity_poly.pdbx_seq_one_letter_code
_entity_poly.pdbx_strand_id
1 'polypeptide(L)'
;MRGSHHHHHHGSDLGKKLLEAARAGQDDEVRILLANGADVNTADETGFTPLHLAAWEGHLGIVEVLLKNGADVNANDERG
HTPLHLAAYTGHLEIVEVLLKNGAGVNATDVIGTAPLHLAAMWGHLEIVEVLLKNGADVNAQDKFGKTPYDLATDNGNQW
IAELLKRAALRRKLLEAARAGHRDEVEDLIKNGADVNAIDAMGLTPLHLAAMRGHLEIVEVLLKYGADVNAEDYYGTTPL
RLAAYIGHLEIVEVLLKYGADVNAYDISGTTPLHLAAVLGHLEIVEVLLKYGADVNAQDKFGKTAFDISIDNGNEDLAEI
LQKLN
;
A
2 'polypeptide(L)'
;MRGSHHHHHHGSRSKRDNNFYSVEIGDSTFTVLKRYQNLKPIGSGAQGIVCAAYDAILERNVAIKKLSRPFQNQTHAKRA
YRELVLMKCVNHKNIIGLLNVFTPQKSLEEFQDVYIVMELMDANLCQVIQMELDHERMSYLLYQMLCGIKHLHSAGIIHR
DLKPSNIVVKSDCTLKILDFGLARTAGTSFMMTPYVVTRYYRAPEVILGMGYKENVDLWSVGCIMGEMVCHKILFPGRDY
IDQWNKVIEQLGTPCPEFMKKLQPTVRTYVENRPKYAGYSFEKLFPDVLFPADSEHNKLKASQARDLLSKMLVIDASKRI
SVDEALQHPYINVWYDPSEAEAPPPKIPDKQLDEREHTIEEWKELIYKEVMDL
;
B
3 'polypeptide(L)' RPKRPTTLNLF C
#
# COMPACT_ATOMS: atom_id res chain seq x y z
N GLY A 11 -37.36 -28.99 -9.67
CA GLY A 11 -36.00 -29.14 -9.18
C GLY A 11 -35.90 -30.13 -8.04
N SER A 12 -35.27 -29.71 -6.95
CA SER A 12 -35.10 -30.57 -5.79
C SER A 12 -36.41 -30.71 -5.03
N ASP A 13 -36.58 -31.87 -4.38
CA ASP A 13 -37.82 -32.15 -3.66
C ASP A 13 -37.84 -31.47 -2.28
N LEU A 14 -36.73 -31.54 -1.54
CA LEU A 14 -36.66 -30.87 -0.26
C LEU A 14 -36.75 -29.36 -0.39
N GLY A 15 -36.45 -28.81 -1.57
CA GLY A 15 -36.52 -27.39 -1.80
C GLY A 15 -37.95 -26.91 -2.02
N LYS A 16 -38.71 -27.61 -2.85
CA LYS A 16 -40.10 -27.22 -3.08
C LYS A 16 -40.87 -27.21 -1.77
N LYS A 17 -40.51 -28.09 -0.82
CA LYS A 17 -41.14 -28.06 0.49
C LYS A 17 -40.65 -26.88 1.32
N LEU A 18 -39.39 -26.48 1.14
CA LEU A 18 -38.87 -25.32 1.86
C LEU A 18 -39.43 -24.01 1.30
N LEU A 19 -39.73 -23.98 0.00
CA LEU A 19 -40.33 -22.78 -0.59
C LEU A 19 -41.72 -22.53 -0.05
N GLU A 20 -42.57 -23.56 -0.04
CA GLU A 20 -43.93 -23.41 0.46
C GLU A 20 -43.97 -23.34 1.98
N ALA A 21 -43.04 -24.01 2.66
CA ALA A 21 -43.00 -23.94 4.12
C ALA A 21 -42.67 -22.53 4.59
N ALA A 22 -41.72 -21.87 3.92
CA ALA A 22 -41.37 -20.50 4.28
C ALA A 22 -42.49 -19.53 3.92
N ARG A 23 -43.14 -19.76 2.78
CA ARG A 23 -44.23 -18.89 2.36
C ARG A 23 -45.42 -18.99 3.32
N ALA A 24 -45.69 -20.21 3.82
CA ALA A 24 -46.84 -20.42 4.69
C ALA A 24 -46.63 -19.87 6.09
N GLY A 25 -45.39 -19.58 6.48
CA GLY A 25 -45.10 -19.12 7.81
C GLY A 25 -44.80 -20.21 8.82
N GLN A 26 -44.55 -21.44 8.36
CA GLN A 26 -44.33 -22.58 9.25
C GLN A 26 -42.89 -22.53 9.76
N ASP A 27 -42.71 -21.95 10.95
CA ASP A 27 -41.37 -21.85 11.51
C ASP A 27 -40.79 -23.22 11.83
N ASP A 28 -41.63 -24.15 12.32
CA ASP A 28 -41.15 -25.49 12.64
C ASP A 28 -40.83 -26.27 11.38
N GLU A 29 -41.64 -26.11 10.33
CA GLU A 29 -41.40 -26.85 9.09
C GLU A 29 -40.10 -26.39 8.42
N VAL A 30 -39.82 -25.09 8.46
CA VAL A 30 -38.57 -24.60 7.90
C VAL A 30 -37.37 -25.10 8.70
N ARG A 31 -37.50 -25.11 10.03
CA ARG A 31 -36.42 -25.60 10.88
C ARG A 31 -36.09 -27.05 10.56
N ILE A 32 -37.12 -27.89 10.40
CA ILE A 32 -36.89 -29.31 10.14
C ILE A 32 -36.36 -29.51 8.73
N LEU A 33 -36.83 -28.72 7.76
CA LEU A 33 -36.37 -28.87 6.39
C LEU A 33 -34.92 -28.45 6.25
N LEU A 34 -34.52 -27.37 6.90
CA LEU A 34 -33.13 -26.96 6.87
C LEU A 34 -32.26 -27.89 7.71
N ALA A 35 -32.82 -28.47 8.76
CA ALA A 35 -32.06 -29.42 9.58
C ALA A 35 -31.84 -30.73 8.84
N ASN A 36 -32.86 -31.23 8.14
CA ASN A 36 -32.73 -32.48 7.41
C ASN A 36 -31.79 -32.33 6.23
N GLY A 37 -31.63 -31.12 5.70
CA GLY A 37 -30.70 -30.88 4.61
C GLY A 37 -31.35 -30.29 3.37
N ALA A 38 -32.18 -29.27 3.55
CA ALA A 38 -32.80 -28.58 2.43
C ALA A 38 -31.91 -27.45 1.96
N ASP A 39 -31.75 -27.33 0.65
CA ASP A 39 -30.95 -26.25 0.07
C ASP A 39 -31.62 -24.91 0.34
N VAL A 40 -30.92 -24.03 1.05
CA VAL A 40 -31.51 -22.78 1.51
C VAL A 40 -31.73 -21.79 0.38
N ASN A 41 -31.07 -21.98 -0.77
CA ASN A 41 -31.14 -21.01 -1.85
C ASN A 41 -31.68 -21.63 -3.14
N THR A 42 -32.77 -22.39 -3.04
CA THR A 42 -33.42 -22.94 -4.23
C THR A 42 -34.31 -21.88 -4.87
N ALA A 43 -34.32 -21.85 -6.19
CA ALA A 43 -35.09 -20.88 -6.96
C ALA A 43 -36.30 -21.55 -7.60
N ASP A 44 -37.36 -20.77 -7.78
CA ASP A 44 -38.60 -21.26 -8.38
C ASP A 44 -38.57 -20.94 -9.88
N GLU A 45 -39.74 -21.03 -10.54
CA GLU A 45 -39.79 -20.84 -11.99
C GLU A 45 -39.23 -19.49 -12.40
N THR A 46 -39.45 -18.46 -11.58
CA THR A 46 -39.07 -17.09 -11.92
C THR A 46 -38.05 -16.52 -10.93
N GLY A 47 -37.21 -17.37 -10.36
CA GLY A 47 -36.06 -16.92 -9.60
C GLY A 47 -36.29 -16.59 -8.14
N PHE A 48 -37.52 -16.73 -7.65
CA PHE A 48 -37.81 -16.41 -6.26
C PHE A 48 -37.32 -17.53 -5.34
N THR A 49 -36.61 -17.16 -4.28
CA THR A 49 -36.04 -18.08 -3.31
C THR A 49 -36.81 -18.03 -2.00
N PRO A 50 -36.54 -18.96 -1.08
CA PRO A 50 -37.26 -18.93 0.20
C PRO A 50 -37.12 -17.61 0.95
N LEU A 51 -36.03 -16.88 0.74
CA LEU A 51 -35.88 -15.58 1.39
C LEU A 51 -36.77 -14.53 0.73
N HIS A 52 -36.94 -14.63 -0.59
CA HIS A 52 -37.93 -13.78 -1.27
C HIS A 52 -39.32 -14.00 -0.67
N LEU A 53 -39.74 -15.25 -0.56
CA LEU A 53 -41.10 -15.55 -0.12
C LEU A 53 -41.33 -15.13 1.32
N ALA A 54 -40.39 -15.44 2.21
CA ALA A 54 -40.54 -15.04 3.61
C ALA A 54 -40.49 -13.53 3.77
N ALA A 55 -39.76 -12.82 2.89
CA ALA A 55 -39.73 -11.37 2.93
C ALA A 55 -40.98 -10.76 2.33
N TRP A 56 -41.59 -11.43 1.35
CA TRP A 56 -42.82 -10.92 0.74
C TRP A 56 -44.01 -11.10 1.69
N GLU A 57 -44.05 -12.23 2.40
CA GLU A 57 -45.15 -12.51 3.32
C GLU A 57 -44.93 -11.95 4.72
N GLY A 58 -43.74 -11.42 5.01
CA GLY A 58 -43.50 -10.75 6.27
C GLY A 58 -43.30 -11.70 7.44
N HIS A 59 -42.42 -12.68 7.29
CA HIS A 59 -42.13 -13.66 8.34
C HIS A 59 -40.74 -13.36 8.88
N LEU A 60 -40.67 -12.45 9.85
CA LEU A 60 -39.38 -12.05 10.41
C LEU A 60 -38.64 -13.25 10.99
N GLY A 61 -39.35 -14.15 11.67
CA GLY A 61 -38.70 -15.32 12.25
C GLY A 61 -38.05 -16.19 11.20
N ILE A 62 -38.76 -16.44 10.10
CA ILE A 62 -38.22 -17.30 9.05
C ILE A 62 -37.04 -16.63 8.35
N VAL A 63 -37.11 -15.31 8.16
CA VAL A 63 -36.00 -14.59 7.56
C VAL A 63 -34.75 -14.74 8.42
N GLU A 64 -34.88 -14.54 9.73
CA GLU A 64 -33.74 -14.69 10.62
C GLU A 64 -33.22 -16.13 10.64
N VAL A 65 -34.08 -17.10 10.35
CA VAL A 65 -33.66 -18.50 10.30
C VAL A 65 -32.92 -18.80 9.01
N LEU A 66 -33.50 -18.40 7.88
CA LEU A 66 -32.85 -18.67 6.58
C LEU A 66 -31.49 -18.01 6.50
N LEU A 67 -31.36 -16.79 7.02
CA LEU A 67 -30.08 -16.08 6.95
C LEU A 67 -29.01 -16.79 7.75
N LYS A 68 -29.37 -17.32 8.93
CA LYS A 68 -28.40 -18.04 9.74
C LYS A 68 -27.92 -19.30 9.04
N ASN A 69 -28.74 -19.87 8.17
CA ASN A 69 -28.35 -21.06 7.40
C ASN A 69 -27.64 -20.72 6.10
N GLY A 70 -27.36 -19.44 5.84
CA GLY A 70 -26.59 -19.06 4.69
C GLY A 70 -27.42 -18.76 3.46
N ALA A 71 -28.40 -17.87 3.60
CA ALA A 71 -29.24 -17.46 2.48
C ALA A 71 -28.64 -16.24 1.80
N ASP A 72 -28.72 -16.22 0.47
CA ASP A 72 -28.18 -15.11 -0.32
C ASP A 72 -29.04 -13.87 -0.09
N VAL A 73 -28.49 -12.88 0.61
CA VAL A 73 -29.26 -11.70 0.97
C VAL A 73 -29.65 -10.92 -0.28
N ASN A 74 -28.78 -10.89 -1.29
CA ASN A 74 -28.97 -10.05 -2.46
C ASN A 74 -29.26 -10.88 -3.71
N ALA A 75 -30.13 -11.87 -3.58
CA ALA A 75 -30.49 -12.72 -4.70
C ALA A 75 -31.49 -12.02 -5.61
N ASN A 76 -31.29 -12.15 -6.92
CA ASN A 76 -32.16 -11.55 -7.92
C ASN A 76 -33.19 -12.56 -8.40
N ASP A 77 -34.20 -12.04 -9.09
CA ASP A 77 -35.21 -12.85 -9.77
C ASP A 77 -35.23 -12.46 -11.25
N GLU A 78 -36.27 -12.91 -11.95
CA GLU A 78 -36.35 -12.65 -13.39
C GLU A 78 -36.40 -11.16 -13.69
N ARG A 79 -37.14 -10.40 -12.88
CA ARG A 79 -37.27 -8.96 -13.09
C ARG A 79 -36.16 -8.16 -12.43
N GLY A 80 -35.22 -8.81 -11.76
CA GLY A 80 -34.15 -8.11 -11.07
C GLY A 80 -34.47 -7.65 -9.67
N HIS A 81 -35.56 -8.14 -9.08
CA HIS A 81 -35.96 -7.76 -7.74
C HIS A 81 -35.28 -8.64 -6.70
N THR A 82 -34.78 -8.01 -5.64
CA THR A 82 -34.15 -8.67 -4.53
C THR A 82 -35.08 -8.69 -3.32
N PRO A 83 -34.77 -9.47 -2.29
CA PRO A 83 -35.62 -9.48 -1.09
C PRO A 83 -35.83 -8.11 -0.48
N LEU A 84 -34.92 -7.16 -0.72
CA LEU A 84 -35.10 -5.81 -0.19
C LEU A 84 -36.13 -5.04 -1.01
N HIS A 85 -36.17 -5.25 -2.32
CA HIS A 85 -37.23 -4.67 -3.14
C HIS A 85 -38.60 -5.06 -2.62
N LEU A 86 -38.76 -6.33 -2.23
CA LEU A 86 -40.06 -6.81 -1.76
C LEU A 86 -40.42 -6.18 -0.42
N ALA A 87 -39.52 -6.27 0.56
CA ALA A 87 -39.79 -5.67 1.87
C ALA A 87 -40.07 -4.18 1.75
N ALA A 88 -39.31 -3.49 0.89
CA ALA A 88 -39.57 -2.07 0.67
C ALA A 88 -40.94 -1.85 0.05
N TYR A 89 -41.40 -2.78 -0.79
CA TYR A 89 -42.69 -2.64 -1.45
C TYR A 89 -43.82 -2.91 -0.47
N THR A 90 -43.73 -4.01 0.29
CA THR A 90 -44.81 -4.39 1.20
C THR A 90 -44.83 -3.52 2.46
N GLY A 91 -43.69 -2.99 2.86
CA GLY A 91 -43.62 -2.10 4.01
C GLY A 91 -43.23 -2.74 5.32
N HIS A 92 -42.52 -3.87 5.30
CA HIS A 92 -42.14 -4.57 6.53
C HIS A 92 -40.82 -3.97 7.02
N LEU A 93 -40.90 -3.17 8.08
CA LEU A 93 -39.72 -2.47 8.58
C LEU A 93 -38.69 -3.44 9.15
N GLU A 94 -39.15 -4.36 10.01
CA GLU A 94 -38.20 -5.24 10.69
C GLU A 94 -37.42 -6.10 9.71
N ILE A 95 -38.02 -6.48 8.59
CA ILE A 95 -37.31 -7.28 7.60
C ILE A 95 -36.28 -6.42 6.87
N VAL A 96 -36.68 -5.23 6.44
CA VAL A 96 -35.73 -4.28 5.86
C VAL A 96 -34.52 -4.14 6.77
N GLU A 97 -34.76 -4.05 8.08
CA GLU A 97 -33.67 -3.85 9.04
C GLU A 97 -32.82 -5.11 9.17
N VAL A 98 -33.44 -6.29 9.17
CA VAL A 98 -32.68 -7.52 9.28
C VAL A 98 -31.89 -7.79 8.01
N LEU A 99 -32.48 -7.53 6.84
CA LEU A 99 -31.77 -7.76 5.58
C LEU A 99 -30.59 -6.80 5.44
N LEU A 100 -30.79 -5.53 5.79
CA LEU A 100 -29.70 -4.56 5.71
C LEU A 100 -28.54 -4.97 6.59
N LYS A 101 -28.83 -5.34 7.85
CA LYS A 101 -27.77 -5.72 8.77
C LYS A 101 -27.06 -6.99 8.34
N ASN A 102 -27.67 -7.79 7.45
CA ASN A 102 -27.02 -8.98 6.92
C ASN A 102 -26.26 -8.71 5.63
N GLY A 103 -26.32 -7.49 5.09
CA GLY A 103 -25.51 -7.12 3.95
C GLY A 103 -26.30 -6.96 2.66
N ALA A 104 -27.51 -6.41 2.76
CA ALA A 104 -28.36 -6.24 1.59
C ALA A 104 -27.89 -5.05 0.75
N GLY A 105 -28.17 -5.12 -0.54
CA GLY A 105 -27.85 -4.03 -1.44
C GLY A 105 -28.86 -2.91 -1.34
N VAL A 106 -28.43 -1.78 -0.75
CA VAL A 106 -29.36 -0.68 -0.50
C VAL A 106 -29.82 -0.03 -1.79
N ASN A 107 -28.95 0.02 -2.79
CA ASN A 107 -29.25 0.65 -4.07
C ASN A 107 -29.36 -0.37 -5.19
N ALA A 108 -29.72 -1.61 -4.86
CA ALA A 108 -30.01 -2.61 -5.88
C ALA A 108 -31.14 -2.11 -6.77
N THR A 109 -30.99 -2.29 -8.08
CA THR A 109 -31.98 -1.86 -9.06
C THR A 109 -32.47 -3.05 -9.87
N ASP A 110 -33.68 -2.91 -10.41
CA ASP A 110 -34.30 -3.93 -11.23
C ASP A 110 -34.24 -3.51 -12.71
N VAL A 111 -34.95 -4.24 -13.56
CA VAL A 111 -34.84 -4.09 -15.00
C VAL A 111 -35.22 -2.70 -15.49
N ILE A 112 -35.82 -1.85 -14.64
CA ILE A 112 -36.20 -0.50 -15.05
C ILE A 112 -35.50 0.57 -14.20
N GLY A 113 -34.55 0.17 -13.35
CA GLY A 113 -33.84 1.12 -12.53
C GLY A 113 -34.52 1.50 -11.23
N THR A 114 -35.51 0.71 -10.80
CA THR A 114 -36.19 1.00 -9.55
C THR A 114 -35.40 0.40 -8.38
N ALA A 115 -35.16 1.22 -7.37
CA ALA A 115 -34.44 0.85 -6.17
C ALA A 115 -35.39 0.82 -4.97
N PRO A 116 -34.97 0.23 -3.86
CA PRO A 116 -35.86 0.16 -2.69
C PRO A 116 -36.37 1.51 -2.22
N LEU A 117 -35.63 2.60 -2.47
CA LEU A 117 -36.08 3.91 -2.04
C LEU A 117 -37.18 4.46 -2.95
N HIS A 118 -37.15 4.11 -4.23
CA HIS A 118 -38.28 4.44 -5.10
C HIS A 118 -39.57 3.82 -4.57
N LEU A 119 -39.51 2.53 -4.19
CA LEU A 119 -40.71 1.84 -3.73
C LEU A 119 -41.18 2.39 -2.39
N ALA A 120 -40.25 2.56 -1.44
CA ALA A 120 -40.63 3.08 -0.13
C ALA A 120 -41.25 4.47 -0.24
N ALA A 121 -40.67 5.33 -1.08
CA ALA A 121 -41.21 6.67 -1.26
C ALA A 121 -42.54 6.63 -2.00
N MET A 122 -42.65 5.73 -2.99
CA MET A 122 -43.87 5.64 -3.79
C MET A 122 -45.07 5.26 -2.94
N TRP A 123 -44.90 4.27 -2.05
CA TRP A 123 -45.98 3.75 -1.24
C TRP A 123 -46.05 4.37 0.14
N GLY A 124 -45.27 5.42 0.40
CA GLY A 124 -45.39 6.17 1.63
C GLY A 124 -44.97 5.43 2.88
N HIS A 125 -43.97 4.55 2.78
CA HIS A 125 -43.44 3.84 3.95
C HIS A 125 -42.36 4.73 4.56
N LEU A 126 -42.75 5.48 5.60
CA LEU A 126 -41.87 6.50 6.16
C LEU A 126 -40.61 5.90 6.78
N GLU A 127 -40.79 5.05 7.80
CA GLU A 127 -39.64 4.51 8.50
C GLU A 127 -38.68 3.77 7.57
N ILE A 128 -39.19 3.20 6.49
CA ILE A 128 -38.30 2.53 5.52
C ILE A 128 -37.52 3.57 4.73
N VAL A 129 -38.17 4.65 4.31
CA VAL A 129 -37.45 5.74 3.67
C VAL A 129 -36.33 6.25 4.58
N GLU A 130 -36.64 6.39 5.88
CA GLU A 130 -35.64 6.87 6.82
C GLU A 130 -34.54 5.84 7.05
N VAL A 131 -34.90 4.56 7.15
CA VAL A 131 -33.91 3.51 7.35
C VAL A 131 -33.02 3.39 6.12
N LEU A 132 -33.62 3.39 4.93
CA LEU A 132 -32.84 3.26 3.70
C LEU A 132 -31.85 4.41 3.55
N LEU A 133 -32.22 5.61 3.98
CA LEU A 133 -31.31 6.75 3.88
C LEU A 133 -30.12 6.60 4.84
N LYS A 134 -30.39 6.21 6.09
CA LYS A 134 -29.30 5.96 7.04
C LYS A 134 -28.32 4.94 6.48
N ASN A 135 -28.81 3.94 5.76
CA ASN A 135 -27.97 2.87 5.23
C ASN A 135 -27.37 3.21 3.87
N GLY A 136 -27.43 4.47 3.46
CA GLY A 136 -26.70 4.91 2.28
C GLY A 136 -27.48 4.89 0.98
N ALA A 137 -28.81 4.94 1.03
CA ALA A 137 -29.61 4.91 -0.19
C ALA A 137 -29.35 6.17 -1.01
N ASP A 138 -29.25 6.00 -2.32
CA ASP A 138 -28.95 7.10 -3.23
C ASP A 138 -30.21 7.90 -3.48
N VAL A 139 -30.26 9.12 -2.93
CA VAL A 139 -31.42 9.98 -3.11
C VAL A 139 -31.58 10.36 -4.57
N ASN A 140 -30.47 10.68 -5.24
CA ASN A 140 -30.51 11.12 -6.63
C ASN A 140 -30.76 9.99 -7.62
N ALA A 141 -30.84 8.75 -7.15
CA ALA A 141 -31.03 7.62 -8.05
C ALA A 141 -32.28 7.80 -8.90
N GLN A 142 -32.16 7.50 -10.19
CA GLN A 142 -33.27 7.58 -11.14
C GLN A 142 -33.53 6.22 -11.75
N ASP A 143 -34.78 5.99 -12.14
CA ASP A 143 -35.12 4.84 -12.95
C ASP A 143 -34.96 5.18 -14.43
N LYS A 144 -35.15 4.18 -15.29
CA LYS A 144 -34.93 4.36 -16.71
C LYS A 144 -35.87 5.39 -17.33
N PHE A 145 -36.80 5.91 -16.53
CA PHE A 145 -37.72 6.95 -16.97
C PHE A 145 -37.48 8.27 -16.24
N GLY A 146 -36.34 8.40 -15.56
CA GLY A 146 -35.90 9.67 -15.01
C GLY A 146 -36.55 10.09 -13.71
N LYS A 147 -37.19 9.17 -13.00
CA LYS A 147 -37.92 9.49 -11.78
C LYS A 147 -37.04 9.20 -10.57
N THR A 148 -36.96 10.15 -9.66
CA THR A 148 -36.27 9.98 -8.39
C THR A 148 -37.26 9.61 -7.29
N PRO A 149 -36.79 9.07 -6.17
CA PRO A 149 -37.71 8.83 -5.04
C PRO A 149 -38.49 10.07 -4.67
N TYR A 150 -37.90 11.26 -4.80
CA TYR A 150 -38.63 12.49 -4.50
C TYR A 150 -39.77 12.70 -5.47
N ASP A 151 -39.56 12.39 -6.75
CA ASP A 151 -40.61 12.57 -7.74
C ASP A 151 -41.80 11.66 -7.45
N LEU A 152 -41.52 10.41 -7.09
CA LEU A 152 -42.60 9.47 -6.79
C LEU A 152 -43.38 9.90 -5.55
N ALA A 153 -42.68 10.32 -4.50
CA ALA A 153 -43.36 10.80 -3.30
C ALA A 153 -44.24 11.99 -3.64
N THR A 154 -43.76 12.90 -4.47
CA THR A 154 -44.57 14.05 -4.89
C THR A 154 -45.76 13.59 -5.72
N ASP A 155 -45.53 12.69 -6.68
CA ASP A 155 -46.60 12.23 -7.55
C ASP A 155 -47.68 11.46 -6.79
N ASN A 156 -47.38 10.96 -5.59
CA ASN A 156 -48.32 10.15 -4.83
C ASN A 156 -48.72 10.80 -3.51
N GLY A 157 -48.49 12.10 -3.36
CA GLY A 157 -49.00 12.82 -2.22
C GLY A 157 -48.37 12.48 -0.89
N ASN A 158 -47.14 11.97 -0.89
CA ASN A 158 -46.41 11.72 0.35
C ASN A 158 -45.50 12.91 0.59
N GLN A 159 -46.10 14.01 1.07
CA GLN A 159 -45.43 15.30 1.09
C GLN A 159 -44.36 15.38 2.18
N TRP A 160 -44.58 14.75 3.33
CA TRP A 160 -43.55 14.75 4.37
C TRP A 160 -42.33 13.96 3.93
N ILE A 161 -42.55 12.83 3.25
CA ILE A 161 -41.43 12.07 2.69
C ILE A 161 -40.68 12.91 1.66
N ALA A 162 -41.41 13.69 0.86
CA ALA A 162 -40.77 14.55 -0.12
C ALA A 162 -39.89 15.59 0.56
N GLU A 163 -40.36 16.15 1.67
CA GLU A 163 -39.53 17.09 2.42
C GLU A 163 -38.25 16.42 2.90
N LEU A 164 -38.36 15.23 3.51
CA LEU A 164 -37.19 14.52 3.98
C LEU A 164 -36.23 14.22 2.83
N LEU A 165 -36.76 13.78 1.70
CA LEU A 165 -35.91 13.49 0.55
C LEU A 165 -35.28 14.75 0.00
N LYS A 166 -35.99 15.89 0.05
CA LYS A 166 -35.40 17.15 -0.39
C LYS A 166 -34.30 17.59 0.57
N ARG A 167 -34.53 17.45 1.87
CA ARG A 167 -33.47 17.69 2.85
C ARG A 167 -32.25 16.83 2.56
N ALA A 168 -32.47 15.52 2.43
CA ALA A 168 -31.36 14.60 2.15
C ALA A 168 -30.69 14.94 0.83
N ALA A 169 -31.45 15.43 -0.15
CA ALA A 169 -30.87 15.83 -1.42
C ALA A 169 -29.94 17.03 -1.25
N LEU A 170 -30.23 17.90 -0.27
CA LEU A 170 -29.40 19.08 -0.04
C LEU A 170 -28.12 18.71 0.69
N ARG A 171 -28.21 17.86 1.72
CA ARG A 171 -27.01 17.33 2.34
C ARG A 171 -26.12 16.64 1.31
N ARG A 172 -26.72 15.96 0.34
CA ARG A 172 -25.96 15.29 -0.69
C ARG A 172 -25.27 16.30 -1.60
N LYS A 173 -25.94 17.42 -1.90
CA LYS A 173 -25.36 18.41 -2.80
C LYS A 173 -24.18 19.11 -2.15
N LEU A 174 -24.23 19.33 -0.84
CA LEU A 174 -23.10 19.93 -0.14
C LEU A 174 -21.92 18.95 -0.06
N LEU A 175 -22.20 17.68 0.26
CA LEU A 175 -21.13 16.70 0.33
C LEU A 175 -20.45 16.52 -1.02
N GLU A 176 -21.24 16.42 -2.09
CA GLU A 176 -20.64 16.25 -3.41
C GLU A 176 -19.92 17.52 -3.87
N ALA A 177 -20.35 18.68 -3.39
CA ALA A 177 -19.64 19.91 -3.72
C ALA A 177 -18.26 19.94 -3.08
N ALA A 178 -18.14 19.48 -1.84
CA ALA A 178 -16.84 19.36 -1.21
C ALA A 178 -16.00 18.27 -1.89
N ARG A 179 -16.64 17.25 -2.44
CA ARG A 179 -15.91 16.16 -3.08
C ARG A 179 -15.30 16.60 -4.40
N ALA A 180 -16.04 17.36 -5.20
CA ALA A 180 -15.58 17.74 -6.53
C ALA A 180 -16.29 18.99 -7.04
N GLY A 181 -16.62 19.90 -6.14
CA GLY A 181 -17.33 21.12 -6.48
C GLY A 181 -16.47 22.36 -6.26
N HIS A 182 -17.00 23.48 -6.76
CA HIS A 182 -16.32 24.76 -6.63
C HIS A 182 -16.60 25.37 -5.26
N ARG A 183 -15.71 26.28 -4.85
CA ARG A 183 -15.92 26.97 -3.58
C ARG A 183 -17.19 27.80 -3.59
N ASP A 184 -17.56 28.34 -4.75
CA ASP A 184 -18.77 29.15 -4.84
C ASP A 184 -20.00 28.34 -4.47
N GLU A 185 -20.10 27.11 -5.01
CA GLU A 185 -21.28 26.29 -4.73
C GLU A 185 -21.37 25.96 -3.25
N VAL A 186 -20.25 25.63 -2.61
CA VAL A 186 -20.24 25.33 -1.18
C VAL A 186 -20.80 26.51 -0.40
N GLU A 187 -20.38 27.72 -0.77
CA GLU A 187 -20.83 28.91 -0.04
C GLU A 187 -22.26 29.29 -0.40
N ASP A 188 -22.70 28.98 -1.61
CA ASP A 188 -24.11 29.17 -1.96
C ASP A 188 -24.99 28.22 -1.14
N LEU A 189 -24.59 26.95 -1.04
CA LEU A 189 -25.38 25.98 -0.30
C LEU A 189 -25.42 26.33 1.18
N ILE A 190 -24.29 26.76 1.74
CA ILE A 190 -24.27 27.20 3.13
C ILE A 190 -25.19 28.41 3.31
N LYS A 191 -24.97 29.45 2.51
CA LYS A 191 -25.81 30.65 2.59
C LYS A 191 -27.28 30.30 2.48
N ASN A 192 -27.62 29.39 1.57
CA ASN A 192 -29.00 28.95 1.37
C ASN A 192 -29.40 27.82 2.32
N GLY A 193 -28.77 27.75 3.49
CA GLY A 193 -29.21 26.85 4.53
C GLY A 193 -28.84 25.39 4.32
N ALA A 194 -27.55 25.10 4.22
CA ALA A 194 -27.04 23.74 4.20
C ALA A 194 -26.17 23.51 5.43
N ASP A 195 -26.27 22.31 6.00
CA ASP A 195 -25.60 22.02 7.26
C ASP A 195 -24.13 21.68 6.99
N VAL A 196 -23.23 22.50 7.54
CA VAL A 196 -21.80 22.24 7.38
C VAL A 196 -21.42 20.92 8.02
N ASN A 197 -22.17 20.47 9.03
CA ASN A 197 -21.87 19.24 9.74
C ASN A 197 -22.66 18.04 9.19
N ALA A 198 -23.27 18.17 8.03
CA ALA A 198 -23.95 17.05 7.40
C ALA A 198 -22.99 15.89 7.21
N ILE A 199 -23.50 14.66 7.36
CA ILE A 199 -22.70 13.46 7.20
C ILE A 199 -23.35 12.54 6.19
N ASP A 200 -22.56 11.59 5.69
CA ASP A 200 -23.05 10.52 4.84
C ASP A 200 -23.25 9.27 5.70
N ALA A 201 -23.39 8.11 5.06
CA ALA A 201 -23.63 6.88 5.81
C ALA A 201 -22.42 6.48 6.64
N MET A 202 -21.21 6.85 6.20
CA MET A 202 -19.98 6.47 6.87
C MET A 202 -19.43 7.57 7.77
N GLY A 203 -20.20 8.63 8.02
CA GLY A 203 -19.81 9.67 8.95
C GLY A 203 -18.96 10.78 8.36
N LEU A 204 -18.69 10.76 7.05
CA LEU A 204 -17.87 11.78 6.43
C LEU A 204 -18.63 13.10 6.33
N THR A 205 -18.01 14.18 6.81
CA THR A 205 -18.55 15.53 6.66
C THR A 205 -17.97 16.18 5.42
N PRO A 206 -18.50 17.35 5.02
CA PRO A 206 -17.85 18.11 3.94
C PRO A 206 -16.42 18.47 4.27
N LEU A 207 -16.07 18.53 5.55
CA LEU A 207 -14.70 18.86 5.93
C LEU A 207 -13.77 17.67 5.72
N HIS A 208 -14.20 16.46 6.11
CA HIS A 208 -13.44 15.26 5.80
C HIS A 208 -13.15 15.18 4.31
N LEU A 209 -14.18 15.35 3.48
CA LEU A 209 -14.01 15.24 2.04
C LEU A 209 -13.11 16.34 1.50
N ALA A 210 -13.18 17.53 2.10
CA ALA A 210 -12.34 18.65 1.65
C ALA A 210 -10.88 18.42 2.02
N ALA A 211 -10.62 17.94 3.24
CA ALA A 211 -9.24 17.67 3.65
C ALA A 211 -8.58 16.66 2.73
N MET A 212 -9.22 15.50 2.55
CA MET A 212 -8.70 14.50 1.62
C MET A 212 -8.43 15.09 0.25
N ARG A 213 -9.36 15.90 -0.25
CA ARG A 213 -9.23 16.50 -1.57
C ARG A 213 -8.04 17.45 -1.65
N GLY A 214 -7.70 18.11 -0.55
CA GLY A 214 -6.65 19.09 -0.56
C GLY A 214 -7.09 20.48 -0.96
N HIS A 215 -8.38 20.78 -0.89
CA HIS A 215 -8.93 22.05 -1.37
C HIS A 215 -8.98 23.02 -0.20
N LEU A 216 -7.92 23.83 -0.07
CA LEU A 216 -7.83 24.75 1.06
C LEU A 216 -8.99 25.74 1.08
N GLU A 217 -9.31 26.32 -0.07
CA GLU A 217 -10.37 27.33 -0.13
C GLU A 217 -11.65 26.81 0.52
N ILE A 218 -12.06 25.59 0.18
CA ILE A 218 -13.29 25.04 0.73
C ILE A 218 -13.14 24.79 2.23
N VAL A 219 -12.01 24.21 2.65
CA VAL A 219 -11.78 23.95 4.07
C VAL A 219 -11.95 25.24 4.87
N GLU A 220 -11.45 26.35 4.34
CA GLU A 220 -11.58 27.63 5.05
C GLU A 220 -13.04 28.01 5.19
N VAL A 221 -13.81 27.95 4.11
CA VAL A 221 -15.22 28.35 4.16
C VAL A 221 -15.96 27.54 5.20
N LEU A 222 -15.78 26.22 5.20
CA LEU A 222 -16.48 25.36 6.15
C LEU A 222 -16.13 25.75 7.58
N LEU A 223 -14.83 25.85 7.89
CA LEU A 223 -14.41 26.24 9.21
C LEU A 223 -14.99 27.61 9.60
N LYS A 224 -15.01 28.54 8.65
CA LYS A 224 -15.57 29.86 8.92
C LYS A 224 -17.01 29.77 9.36
N TYR A 225 -17.82 28.97 8.65
CA TYR A 225 -19.25 28.90 8.89
C TYR A 225 -19.64 27.79 9.85
N GLY A 226 -18.71 27.29 10.66
CA GLY A 226 -19.03 26.49 11.83
C GLY A 226 -18.66 25.03 11.78
N ALA A 227 -17.90 24.58 10.80
CA ALA A 227 -17.58 23.17 10.68
C ALA A 227 -16.79 22.70 11.90
N ASP A 228 -17.04 21.44 12.29
CA ASP A 228 -16.36 20.85 13.43
C ASP A 228 -15.00 20.32 13.01
N VAL A 229 -13.94 20.87 13.59
CA VAL A 229 -12.58 20.44 13.24
C VAL A 229 -12.29 19.06 13.78
N ASN A 230 -12.98 18.65 14.86
CA ASN A 230 -12.71 17.39 15.53
C ASN A 230 -13.85 16.39 15.29
N ALA A 231 -14.35 16.33 14.07
CA ALA A 231 -15.41 15.41 13.71
C ALA A 231 -14.82 14.05 13.33
N GLU A 232 -15.33 13.00 13.95
CA GLU A 232 -14.87 11.65 13.70
C GLU A 232 -15.88 10.90 12.84
N ASP A 233 -15.39 10.09 11.91
CA ASP A 233 -16.26 9.36 11.00
C ASP A 233 -16.52 7.96 11.57
N TYR A 234 -16.98 7.02 10.72
CA TYR A 234 -17.36 5.71 11.21
C TYR A 234 -16.19 4.96 11.84
N TYR A 235 -14.96 5.26 11.41
CA TYR A 235 -13.77 4.59 11.93
C TYR A 235 -13.05 5.41 12.98
N GLY A 236 -13.55 6.59 13.33
CA GLY A 236 -12.88 7.44 14.30
C GLY A 236 -11.83 8.35 13.70
N THR A 237 -11.94 8.67 12.41
CA THR A 237 -10.94 9.46 11.71
C THR A 237 -11.34 10.93 11.68
N THR A 238 -10.39 11.81 12.00
CA THR A 238 -10.61 13.24 11.97
C THR A 238 -9.98 13.86 10.74
N PRO A 239 -10.36 15.09 10.39
CA PRO A 239 -9.75 15.72 9.20
C PRO A 239 -8.28 16.05 9.38
N LEU A 240 -7.82 16.31 10.60
CA LEU A 240 -6.41 16.61 10.83
C LEU A 240 -5.55 15.39 10.54
N ARG A 241 -6.00 14.19 10.94
CA ARG A 241 -5.21 13.00 10.71
C ARG A 241 -5.16 12.65 9.23
N LEU A 242 -6.25 12.88 8.51
CA LEU A 242 -6.26 12.63 7.07
C LEU A 242 -5.28 13.54 6.35
N ALA A 243 -5.35 14.84 6.65
CA ALA A 243 -4.40 15.78 6.06
C ALA A 243 -2.97 15.44 6.45
N ALA A 244 -2.76 15.10 7.72
CA ALA A 244 -1.40 14.78 8.18
C ALA A 244 -0.83 13.58 7.45
N TYR A 245 -1.67 12.58 7.16
CA TYR A 245 -1.20 11.39 6.48
C TYR A 245 -1.01 11.65 4.98
N ILE A 246 -2.03 12.21 4.33
CA ILE A 246 -1.95 12.42 2.88
C ILE A 246 -0.83 13.39 2.55
N GLY A 247 -0.63 14.41 3.37
CA GLY A 247 0.45 15.36 3.16
C GLY A 247 -0.01 16.72 2.71
N HIS A 248 -1.15 17.19 3.24
CA HIS A 248 -1.70 18.50 2.90
C HIS A 248 -1.24 19.49 3.94
N LEU A 249 -0.08 20.11 3.70
CA LEU A 249 0.52 21.03 4.66
C LEU A 249 -0.44 22.18 4.99
N GLU A 250 -0.86 22.92 3.96
CA GLU A 250 -1.69 24.10 4.19
C GLU A 250 -2.95 23.76 4.98
N ILE A 251 -3.53 22.59 4.74
CA ILE A 251 -4.77 22.22 5.42
C ILE A 251 -4.48 21.85 6.87
N VAL A 252 -3.37 21.19 7.14
CA VAL A 252 -2.98 20.91 8.52
C VAL A 252 -2.81 22.22 9.29
N GLU A 253 -2.49 23.31 8.59
CA GLU A 253 -2.26 24.58 9.26
C GLU A 253 -3.58 25.25 9.66
N VAL A 254 -4.52 25.36 8.72
CA VAL A 254 -5.80 25.99 9.05
C VAL A 254 -6.58 25.14 10.05
N LEU A 255 -6.44 23.82 9.98
CA LEU A 255 -7.13 22.96 10.94
C LEU A 255 -6.65 23.24 12.36
N LEU A 256 -5.33 23.32 12.55
CA LEU A 256 -4.80 23.66 13.86
C LEU A 256 -5.09 25.11 14.24
N LYS A 257 -5.18 25.99 13.25
CA LYS A 257 -5.57 27.37 13.52
C LYS A 257 -6.97 27.44 14.10
N TYR A 258 -7.90 26.64 13.56
CA TYR A 258 -9.30 26.67 13.97
C TYR A 258 -9.59 25.77 15.17
N GLY A 259 -8.58 25.26 15.83
CA GLY A 259 -8.76 24.56 17.09
C GLY A 259 -8.67 23.05 17.06
N ALA A 260 -8.09 22.47 16.00
CA ALA A 260 -7.99 21.02 15.92
C ALA A 260 -7.04 20.49 16.98
N ASP A 261 -7.45 19.41 17.64
CA ASP A 261 -6.63 18.80 18.69
C ASP A 261 -5.44 18.10 18.07
N VAL A 262 -4.23 18.50 18.49
CA VAL A 262 -3.02 17.93 17.93
C VAL A 262 -2.68 16.59 18.57
N ASN A 263 -3.05 16.39 19.84
CA ASN A 263 -2.75 15.16 20.55
C ASN A 263 -3.97 14.23 20.63
N ALA A 264 -4.90 14.35 19.69
CA ALA A 264 -6.04 13.45 19.62
C ALA A 264 -5.62 12.18 18.88
N TYR A 265 -5.99 11.03 19.45
CA TYR A 265 -5.60 9.73 18.90
C TYR A 265 -6.83 8.87 18.67
N ASP A 266 -6.77 8.06 17.61
CA ASP A 266 -7.87 7.17 17.26
C ASP A 266 -7.81 5.91 18.13
N ILE A 267 -8.56 4.89 17.74
CA ILE A 267 -8.68 3.69 18.57
C ILE A 267 -7.35 2.99 18.72
N SER A 268 -6.49 3.08 17.71
CA SER A 268 -5.18 2.45 17.74
C SER A 268 -4.11 3.33 18.37
N GLY A 269 -4.50 4.48 18.93
CA GLY A 269 -3.54 5.35 19.58
C GLY A 269 -2.65 6.11 18.62
N THR A 270 -3.14 6.40 17.41
CA THR A 270 -2.37 7.09 16.39
C THR A 270 -2.75 8.56 16.35
N THR A 271 -1.75 9.43 16.44
CA THR A 271 -1.92 10.87 16.38
C THR A 271 -1.47 11.39 15.02
N PRO A 272 -1.74 12.66 14.72
CA PRO A 272 -1.25 13.22 13.45
C PRO A 272 0.26 13.12 13.29
N LEU A 273 1.01 13.25 14.39
CA LEU A 273 2.47 13.14 14.30
C LEU A 273 2.87 11.75 13.82
N HIS A 274 2.24 10.70 14.37
CA HIS A 274 2.50 9.34 13.90
C HIS A 274 2.29 9.22 12.41
N LEU A 275 1.23 9.85 11.88
CA LEU A 275 0.85 9.65 10.49
C LEU A 275 1.78 10.37 9.52
N ALA A 276 2.18 11.60 9.85
CA ALA A 276 3.12 12.33 9.01
C ALA A 276 4.45 11.61 8.90
N ALA A 277 4.80 10.78 9.88
CA ALA A 277 6.06 10.04 9.84
C ALA A 277 5.99 8.83 8.92
N VAL A 278 4.79 8.37 8.57
CA VAL A 278 4.66 7.25 7.63
C VAL A 278 5.36 7.58 6.32
N LEU A 279 4.91 8.65 5.67
CA LEU A 279 5.46 9.05 4.39
C LEU A 279 6.56 10.10 4.51
N GLY A 280 6.76 10.67 5.70
CA GLY A 280 7.81 11.63 5.91
C GLY A 280 7.47 13.01 5.40
N HIS A 281 6.42 13.61 5.96
CA HIS A 281 6.03 14.98 5.60
C HIS A 281 6.75 15.94 6.54
N LEU A 282 7.95 16.34 6.14
CA LEU A 282 8.81 17.14 7.00
C LEU A 282 8.10 18.40 7.48
N GLU A 283 7.56 19.20 6.57
CA GLU A 283 6.95 20.47 6.95
C GLU A 283 5.75 20.27 7.88
N ILE A 284 4.98 19.20 7.65
CA ILE A 284 3.81 18.95 8.50
C ILE A 284 4.25 18.66 9.92
N VAL A 285 5.33 17.88 10.09
CA VAL A 285 5.81 17.57 11.43
C VAL A 285 6.27 18.84 12.14
N GLU A 286 6.87 19.78 11.40
CA GLU A 286 7.28 21.04 12.00
C GLU A 286 6.08 21.78 12.58
N VAL A 287 5.02 21.93 11.79
CA VAL A 287 3.84 22.64 12.26
C VAL A 287 3.22 21.92 13.45
N LEU A 288 3.16 20.59 13.39
CA LEU A 288 2.57 19.83 14.49
C LEU A 288 3.32 20.06 15.79
N LEU A 289 4.65 19.99 15.74
CA LEU A 289 5.44 20.22 16.95
C LEU A 289 5.27 21.65 17.45
N LYS A 290 5.12 22.62 16.54
CA LYS A 290 4.85 23.99 16.96
C LYS A 290 3.59 24.06 17.82
N TYR A 291 2.49 23.47 17.35
CA TYR A 291 1.24 23.47 18.08
C TYR A 291 1.24 22.54 19.28
N GLY A 292 2.34 21.84 19.55
CA GLY A 292 2.48 21.08 20.77
C GLY A 292 2.21 19.60 20.62
N ALA A 293 2.77 18.99 19.58
CA ALA A 293 2.60 17.55 19.37
C ALA A 293 3.54 16.76 20.28
N ASP A 294 2.97 15.84 21.05
CA ASP A 294 3.75 15.07 22.01
C ASP A 294 4.46 13.93 21.30
N VAL A 295 5.80 13.89 21.43
CA VAL A 295 6.58 12.82 20.82
C VAL A 295 6.70 11.60 21.73
N ASN A 296 6.48 11.76 23.03
CA ASN A 296 6.45 10.61 23.93
C ASN A 296 5.24 9.72 23.67
N ALA A 297 4.19 10.26 23.07
CA ALA A 297 2.97 9.49 22.84
C ALA A 297 3.29 8.18 22.14
N GLN A 298 2.72 7.09 22.66
CA GLN A 298 2.90 5.76 22.12
C GLN A 298 1.58 5.25 21.56
N ASP A 299 1.64 4.56 20.43
CA ASP A 299 0.44 4.02 19.80
C ASP A 299 0.07 2.70 20.47
N LYS A 300 -0.88 1.98 19.86
CA LYS A 300 -1.34 0.71 20.44
C LYS A 300 -0.21 -0.30 20.52
N PHE A 301 0.78 -0.21 19.63
CA PHE A 301 1.92 -1.10 19.66
C PHE A 301 3.00 -0.62 20.64
N GLY A 302 3.03 0.67 20.95
CA GLY A 302 4.04 1.24 21.81
C GLY A 302 5.05 2.11 21.08
N LYS A 303 4.90 2.29 19.77
CA LYS A 303 5.85 3.06 18.99
C LYS A 303 5.52 4.55 19.04
N THR A 304 6.57 5.36 19.18
CA THR A 304 6.44 6.80 19.10
C THR A 304 6.57 7.24 17.64
N ALA A 305 6.19 8.49 17.39
CA ALA A 305 6.41 9.07 16.06
C ALA A 305 7.85 8.88 15.62
N PHE A 306 8.78 8.99 16.56
CA PHE A 306 10.19 8.78 16.25
C PHE A 306 10.44 7.36 15.76
N ASP A 307 9.85 6.37 16.43
CA ASP A 307 10.08 4.98 16.05
C ASP A 307 9.53 4.68 14.66
N ILE A 308 8.48 5.37 14.23
CA ILE A 308 7.89 5.10 12.92
C ILE A 308 8.83 5.58 11.81
N SER A 309 9.41 6.77 11.97
CA SER A 309 10.34 7.28 10.97
C SER A 309 11.46 6.28 10.69
N ILE A 310 11.92 5.58 11.74
CA ILE A 310 12.95 4.58 11.57
C ILE A 310 12.44 3.41 10.74
N ASP A 311 11.22 2.96 11.02
CA ASP A 311 10.66 1.79 10.32
C ASP A 311 10.25 2.09 8.89
N ASN A 312 10.15 3.36 8.51
CA ASN A 312 9.78 3.74 7.15
C ASN A 312 10.94 4.35 6.37
N GLY A 313 12.14 4.38 6.95
CA GLY A 313 13.30 4.88 6.24
C GLY A 313 13.36 6.38 6.07
N ASN A 314 12.43 7.12 6.68
CA ASN A 314 12.43 8.59 6.59
C ASN A 314 13.49 9.15 7.54
N GLU A 315 14.74 8.92 7.17
CA GLU A 315 15.84 9.18 8.09
C GLU A 315 16.01 10.68 8.36
N ASP A 316 15.78 11.52 7.35
CA ASP A 316 15.86 12.96 7.58
C ASP A 316 14.89 13.40 8.66
N LEU A 317 13.72 12.75 8.75
CA LEU A 317 12.73 13.11 9.77
C LEU A 317 13.13 12.59 11.15
N ALA A 318 13.73 11.39 11.20
CA ALA A 318 14.08 10.79 12.49
C ALA A 318 15.15 11.60 13.21
N GLU A 319 16.02 12.28 12.47
CA GLU A 319 17.08 13.07 13.10
C GLU A 319 16.52 14.28 13.85
N ILE A 320 15.28 14.67 13.56
CA ILE A 320 14.67 15.80 14.25
C ILE A 320 14.02 15.35 15.56
N LEU A 321 13.38 14.18 15.55
CA LEU A 321 12.66 13.71 16.73
C LEU A 321 13.59 13.17 17.81
N GLN A 322 14.71 12.56 17.42
CA GLN A 322 15.64 12.04 18.42
C GLN A 322 16.15 13.17 19.31
N LYS A 323 16.36 14.35 18.74
CA LYS A 323 16.87 15.47 19.53
C LYS A 323 15.90 15.84 20.65
N LEU A 324 14.59 15.78 20.38
CA LEU A 324 13.61 15.97 21.44
C LEU A 324 13.44 14.69 22.25
N ASN A 325 13.11 13.59 21.58
CA ASN A 325 13.09 12.27 22.22
C ASN A 325 12.81 11.18 21.19
N ASP B 17 53.78 4.12 8.16
CA ASP B 17 54.26 5.16 7.27
C ASP B 17 53.27 5.40 6.13
N ASN B 18 53.74 6.03 5.05
CA ASN B 18 52.87 6.41 3.94
C ASN B 18 53.10 5.42 2.79
N ASN B 19 52.35 4.33 2.79
CA ASN B 19 52.24 3.44 1.65
C ASN B 19 51.15 3.88 0.68
N PHE B 20 50.91 5.19 0.59
CA PHE B 20 49.79 5.74 -0.16
C PHE B 20 50.29 6.73 -1.21
N TYR B 21 49.38 7.09 -2.12
CA TYR B 21 49.62 8.16 -3.07
C TYR B 21 48.26 8.79 -3.38
N SER B 22 48.22 10.11 -3.34
CA SER B 22 46.97 10.84 -3.51
C SER B 22 46.78 11.23 -4.98
N VAL B 23 45.54 11.11 -5.46
CA VAL B 23 45.20 11.42 -6.85
C VAL B 23 43.99 12.33 -6.86
N GLU B 24 44.03 13.36 -7.69
CA GLU B 24 42.88 14.23 -7.91
C GLU B 24 41.83 13.48 -8.72
N ILE B 25 40.72 13.12 -8.07
CA ILE B 25 39.58 12.55 -8.78
C ILE B 25 38.40 13.50 -8.63
N GLY B 26 38.34 14.51 -9.48
CA GLY B 26 37.28 15.49 -9.42
C GLY B 26 37.55 16.57 -8.40
N ASP B 27 36.52 16.93 -7.63
CA ASP B 27 36.67 17.96 -6.61
C ASP B 27 37.54 17.47 -5.46
N SER B 28 37.26 16.27 -4.95
CA SER B 28 37.96 15.71 -3.82
C SER B 28 39.21 14.96 -4.30
N THR B 29 40.04 14.57 -3.33
CA THR B 29 41.26 13.83 -3.59
C THR B 29 41.11 12.40 -3.08
N PHE B 30 41.78 11.47 -3.76
CA PHE B 30 41.73 10.05 -3.41
C PHE B 30 43.13 9.60 -2.99
N THR B 31 43.31 9.38 -1.70
CA THR B 31 44.57 8.89 -1.13
C THR B 31 44.39 7.42 -0.82
N VAL B 32 44.91 6.55 -1.69
CA VAL B 32 44.72 5.11 -1.60
C VAL B 32 46.08 4.42 -1.53
N LEU B 33 46.02 3.10 -1.35
CA LEU B 33 47.23 2.29 -1.32
C LEU B 33 47.80 2.13 -2.73
N LYS B 34 49.14 2.06 -2.80
CA LYS B 34 49.81 1.95 -4.08
C LYS B 34 49.49 0.65 -4.81
N ARG B 35 48.87 -0.32 -4.13
CA ARG B 35 48.41 -1.53 -4.81
C ARG B 35 47.31 -1.20 -5.81
N TYR B 36 46.50 -0.19 -5.52
CA TYR B 36 45.40 0.21 -6.38
C TYR B 36 45.89 1.29 -7.34
N GLN B 37 45.91 0.96 -8.63
CA GLN B 37 46.48 1.82 -9.67
C GLN B 37 45.41 2.21 -10.66
N ASN B 38 45.61 3.37 -11.31
CA ASN B 38 44.75 3.84 -12.38
C ASN B 38 43.31 4.01 -11.90
N LEU B 39 43.13 5.04 -11.08
CA LEU B 39 41.82 5.34 -10.51
C LEU B 39 40.98 6.09 -11.54
N LYS B 40 39.82 5.54 -11.88
CA LYS B 40 38.88 6.17 -12.79
C LYS B 40 37.55 6.41 -12.05
N PRO B 41 36.96 7.61 -12.15
CA PRO B 41 35.75 7.89 -11.38
C PRO B 41 34.50 7.27 -12.00
N ILE B 42 33.60 6.82 -11.12
CA ILE B 42 32.29 6.30 -11.54
C ILE B 42 31.27 6.58 -10.45
N ILE B 49 31.06 9.55 -7.14
CA ILE B 49 31.99 9.80 -6.06
C ILE B 49 32.57 8.46 -5.61
N VAL B 50 32.85 7.60 -6.58
CA VAL B 50 33.36 6.26 -6.33
C VAL B 50 34.26 5.89 -7.50
N CYS B 51 35.45 5.39 -7.20
CA CYS B 51 36.48 5.13 -8.21
C CYS B 51 36.54 3.66 -8.58
N ALA B 52 37.09 3.41 -9.77
CA ALA B 52 37.46 2.07 -10.22
C ALA B 52 38.96 2.02 -10.43
N ALA B 53 39.61 1.02 -9.83
CA ALA B 53 41.06 0.91 -9.87
C ALA B 53 41.44 -0.53 -10.16
N TYR B 54 42.73 -0.74 -10.41
CA TYR B 54 43.27 -2.07 -10.68
C TYR B 54 44.14 -2.48 -9.49
N ASP B 55 43.69 -3.51 -8.77
CA ASP B 55 44.43 -4.05 -7.63
C ASP B 55 45.59 -4.86 -8.17
N ALA B 56 46.80 -4.30 -8.09
CA ALA B 56 47.98 -5.00 -8.60
C ALA B 56 48.33 -6.24 -7.78
N ILE B 57 47.89 -6.31 -6.53
CA ILE B 57 48.13 -7.50 -5.72
C ILE B 57 47.19 -8.61 -6.13
N LEU B 58 45.88 -8.35 -6.15
CA LEU B 58 44.91 -9.33 -6.61
C LEU B 58 44.86 -9.44 -8.13
N GLU B 59 45.44 -8.49 -8.85
CA GLU B 59 45.51 -8.53 -10.30
C GLU B 59 44.10 -8.57 -10.91
N ARG B 60 43.25 -7.65 -10.46
CA ARG B 60 41.91 -7.55 -11.02
C ARG B 60 41.31 -6.22 -10.60
N ASN B 61 40.44 -5.69 -11.46
CA ASN B 61 39.83 -4.39 -11.22
C ASN B 61 38.89 -4.44 -10.03
N VAL B 62 38.82 -3.32 -9.29
CA VAL B 62 38.02 -3.21 -8.09
C VAL B 62 37.34 -1.85 -8.08
N ALA B 63 36.43 -1.68 -7.13
CA ALA B 63 35.75 -0.41 -6.90
C ALA B 63 36.16 0.13 -5.53
N ILE B 64 36.39 1.44 -5.47
CA ILE B 64 36.86 2.10 -4.24
C ILE B 64 35.88 3.20 -3.90
N LYS B 65 35.18 3.04 -2.78
CA LYS B 65 34.25 4.05 -2.29
C LYS B 65 34.89 4.83 -1.15
N LYS B 66 34.76 6.14 -1.18
CA LYS B 66 35.34 7.02 -0.17
C LYS B 66 34.23 7.63 0.68
N LEU B 67 34.36 7.50 1.99
CA LEU B 67 33.42 8.08 2.95
C LEU B 67 34.16 9.11 3.77
N SER B 68 33.92 10.39 3.50
CA SER B 68 34.62 11.48 4.17
C SER B 68 33.86 11.86 5.45
N ARG B 69 34.50 11.64 6.59
CA ARG B 69 33.94 11.97 7.89
C ARG B 69 32.55 11.37 8.08
N PRO B 70 32.44 10.03 8.06
CA PRO B 70 31.13 9.40 8.29
C PRO B 70 30.63 9.54 9.72
N PHE B 71 31.51 9.87 10.65
CA PHE B 71 31.15 10.01 12.07
C PHE B 71 30.52 11.36 12.40
N GLN B 72 30.27 12.21 11.41
CA GLN B 72 29.90 13.59 11.68
C GLN B 72 28.55 13.71 12.38
N ASN B 73 27.61 12.81 12.10
CA ASN B 73 26.30 12.88 12.75
C ASN B 73 25.69 11.49 12.82
N GLN B 74 24.60 11.38 13.58
CA GLN B 74 23.95 10.10 13.82
C GLN B 74 23.63 9.37 12.53
N THR B 75 23.00 10.07 11.58
CA THR B 75 22.55 9.42 10.35
C THR B 75 23.74 8.85 9.57
N HIS B 76 24.66 9.72 9.15
CA HIS B 76 25.82 9.26 8.41
C HIS B 76 26.58 8.18 9.18
N ALA B 77 26.63 8.31 10.51
CA ALA B 77 27.45 7.41 11.31
C ALA B 77 26.84 6.01 11.38
N LYS B 78 25.56 5.93 11.74
CA LYS B 78 24.88 4.63 11.76
C LYS B 78 25.05 3.93 10.42
N ARG B 79 24.62 4.58 9.34
CA ARG B 79 24.71 3.98 8.01
C ARG B 79 26.09 3.39 7.76
N ALA B 80 27.14 4.17 7.99
CA ALA B 80 28.50 3.70 7.71
C ALA B 80 28.87 2.55 8.63
N TYR B 81 28.44 2.58 9.89
CA TYR B 81 28.77 1.50 10.82
C TYR B 81 28.16 0.18 10.39
N ARG B 82 26.86 0.19 10.02
CA ARG B 82 26.22 -1.04 9.58
C ARG B 82 26.88 -1.58 8.30
N GLU B 83 27.07 -0.71 7.31
CA GLU B 83 27.65 -1.16 6.04
C GLU B 83 29.00 -1.84 6.27
N LEU B 84 29.84 -1.24 7.10
CA LEU B 84 31.14 -1.85 7.40
C LEU B 84 30.96 -3.20 8.08
N VAL B 85 30.28 -3.22 9.22
CA VAL B 85 30.06 -4.48 9.95
C VAL B 85 29.47 -5.52 9.02
N LEU B 86 28.43 -5.15 8.27
CA LEU B 86 27.73 -6.13 7.44
C LEU B 86 28.58 -6.56 6.24
N MET B 87 29.24 -5.62 5.58
CA MET B 87 30.07 -5.99 4.43
C MET B 87 31.20 -6.92 4.85
N LYS B 88 31.65 -6.84 6.10
CA LYS B 88 32.67 -7.75 6.59
C LYS B 88 32.11 -9.14 6.85
N CYS B 89 30.87 -9.21 7.34
CA CYS B 89 30.30 -10.48 7.77
C CYS B 89 29.70 -11.27 6.60
N VAL B 90 28.99 -10.59 5.71
CA VAL B 90 28.19 -11.27 4.68
C VAL B 90 29.09 -11.63 3.50
N ASN B 91 28.99 -12.88 3.05
CA ASN B 91 29.77 -13.39 1.92
C ASN B 91 28.86 -14.23 1.05
N HIS B 92 28.42 -13.67 -0.07
CA HIS B 92 27.60 -14.39 -1.03
C HIS B 92 27.90 -13.83 -2.42
N LYS B 93 27.90 -14.72 -3.43
CA LYS B 93 28.33 -14.32 -4.76
C LYS B 93 27.32 -13.47 -5.50
N ASN B 94 26.09 -13.36 -5.01
CA ASN B 94 25.10 -12.46 -5.57
C ASN B 94 24.97 -11.18 -4.76
N ILE B 95 25.90 -10.95 -3.84
CA ILE B 95 25.96 -9.72 -3.05
C ILE B 95 27.37 -9.16 -3.17
N ILE B 96 27.46 -7.87 -3.49
CA ILE B 96 28.78 -7.25 -3.65
C ILE B 96 29.57 -7.41 -2.37
N GLY B 97 30.82 -7.86 -2.50
CA GLY B 97 31.61 -8.18 -1.33
C GLY B 97 32.70 -7.18 -1.00
N LEU B 98 33.16 -7.21 0.26
CA LEU B 98 34.25 -6.36 0.72
C LEU B 98 35.58 -7.02 0.39
N LEU B 99 36.46 -6.28 -0.27
CA LEU B 99 37.80 -6.75 -0.55
C LEU B 99 38.86 -6.16 0.37
N ASN B 100 38.62 -4.97 0.92
CA ASN B 100 39.61 -4.29 1.73
C ASN B 100 38.97 -3.03 2.28
N VAL B 101 39.55 -2.50 3.35
CA VAL B 101 39.09 -1.25 3.96
C VAL B 101 40.26 -0.64 4.70
N PHE B 102 40.47 0.66 4.50
CA PHE B 102 41.64 1.34 5.06
C PHE B 102 41.35 2.83 5.18
N THR B 103 42.10 3.50 6.07
CA THR B 103 42.10 4.95 6.20
C THR B 103 43.52 5.48 6.05
N PRO B 104 43.73 6.56 5.29
CA PRO B 104 45.11 7.07 5.13
C PRO B 104 45.66 7.72 6.39
N GLN B 105 44.82 8.13 7.32
CA GLN B 105 45.28 8.78 8.54
C GLN B 105 45.71 7.75 9.57
N LYS B 106 46.62 8.16 10.46
CA LYS B 106 47.34 7.23 11.32
C LYS B 106 46.92 7.27 12.79
N SER B 107 46.04 8.19 13.19
CA SER B 107 45.64 8.28 14.59
C SER B 107 44.15 8.58 14.68
N LEU B 108 43.60 8.35 15.88
CA LEU B 108 42.20 8.68 16.14
C LEU B 108 41.96 10.18 16.09
N GLU B 109 42.95 10.99 16.48
CA GLU B 109 42.79 12.44 16.42
C GLU B 109 42.71 12.92 14.98
N GLU B 110 43.54 12.37 14.10
CA GLU B 110 43.61 12.80 12.71
C GLU B 110 42.65 12.04 11.80
N PHE B 111 41.98 11.01 12.32
CA PHE B 111 41.12 10.17 11.49
C PHE B 111 40.03 11.02 10.82
N GLN B 112 39.81 10.75 9.52
CA GLN B 112 38.83 11.51 8.76
C GLN B 112 38.06 10.62 7.78
N ASP B 113 38.75 10.06 6.79
CA ASP B 113 38.11 9.37 5.68
C ASP B 113 38.20 7.85 5.84
N VAL B 114 37.23 7.17 5.24
CA VAL B 114 37.20 5.71 5.14
C VAL B 114 37.14 5.34 3.67
N TYR B 115 37.98 4.39 3.25
CA TYR B 115 37.98 3.89 1.89
C TYR B 115 37.58 2.42 1.90
N ILE B 116 36.55 2.07 1.14
CA ILE B 116 36.00 0.71 1.11
C ILE B 116 36.22 0.16 -0.29
N VAL B 117 37.09 -0.82 -0.41
CA VAL B 117 37.39 -1.45 -1.69
C VAL B 117 36.45 -2.62 -1.90
N MET B 118 35.79 -2.65 -3.06
CA MET B 118 34.75 -3.63 -3.34
C MET B 118 34.97 -4.20 -4.73
N GLU B 119 34.27 -5.29 -5.02
CA GLU B 119 34.32 -5.89 -6.35
C GLU B 119 33.67 -4.97 -7.37
N LEU B 120 34.27 -4.92 -8.56
CA LEU B 120 33.80 -4.04 -9.63
C LEU B 120 32.89 -4.81 -10.57
N MET B 121 31.74 -4.22 -10.87
CA MET B 121 30.81 -4.74 -11.85
C MET B 121 30.70 -3.77 -13.00
N ASP B 122 30.06 -4.21 -14.09
CA ASP B 122 30.08 -3.46 -15.33
C ASP B 122 28.96 -2.42 -15.42
N ALA B 123 27.74 -2.77 -15.02
CA ALA B 123 26.61 -1.87 -15.17
C ALA B 123 25.55 -2.23 -14.14
N ASN B 124 24.47 -1.45 -14.11
CA ASN B 124 23.28 -1.76 -13.34
C ASN B 124 22.15 -2.13 -14.29
N LEU B 125 21.03 -2.56 -13.71
CA LEU B 125 19.96 -3.14 -14.52
C LEU B 125 19.34 -2.11 -15.47
N CYS B 126 19.41 -0.82 -15.12
CA CYS B 126 18.81 0.19 -15.99
C CYS B 126 19.21 0.01 -17.44
N GLN B 127 20.40 -0.55 -17.68
CA GLN B 127 20.83 -0.84 -19.05
C GLN B 127 20.20 -2.12 -19.56
N VAL B 128 20.12 -3.15 -18.71
CA VAL B 128 19.53 -4.41 -19.11
C VAL B 128 18.04 -4.26 -19.40
N ILE B 129 17.36 -3.36 -18.69
CA ILE B 129 15.93 -3.18 -18.86
C ILE B 129 15.61 -2.75 -20.28
N GLN B 130 16.51 -2.01 -20.92
CA GLN B 130 16.28 -1.57 -22.30
C GLN B 130 16.60 -2.66 -23.32
N MET B 131 17.05 -3.83 -22.88
CA MET B 131 17.26 -4.95 -23.77
C MET B 131 16.01 -5.81 -23.83
N GLU B 132 15.82 -6.46 -24.98
CA GLU B 132 14.80 -7.49 -25.13
C GLU B 132 15.50 -8.83 -24.90
N LEU B 133 15.50 -9.27 -23.64
CA LEU B 133 16.23 -10.47 -23.25
C LEU B 133 15.49 -11.72 -23.70
N ASP B 134 16.22 -12.83 -23.70
CA ASP B 134 15.64 -14.15 -23.89
C ASP B 134 15.26 -14.75 -22.54
N HIS B 135 14.50 -15.84 -22.59
CA HIS B 135 14.00 -16.45 -21.36
C HIS B 135 15.12 -16.97 -20.49
N GLU B 136 16.21 -17.47 -21.10
CA GLU B 136 17.30 -18.02 -20.30
C GLU B 136 18.00 -16.93 -19.50
N ARG B 137 18.39 -15.84 -20.16
CA ARG B 137 19.07 -14.76 -19.44
C ARG B 137 18.15 -14.11 -18.42
N MET B 138 16.88 -13.90 -18.77
CA MET B 138 15.95 -13.27 -17.86
C MET B 138 15.80 -14.08 -16.58
N SER B 139 15.45 -15.36 -16.72
CA SER B 139 15.26 -16.20 -15.54
C SER B 139 16.56 -16.39 -14.76
N TYR B 140 17.70 -16.42 -15.45
CA TYR B 140 18.96 -16.61 -14.75
C TYR B 140 19.34 -15.38 -13.95
N LEU B 141 19.14 -14.19 -14.52
CA LEU B 141 19.36 -12.95 -13.77
C LEU B 141 18.46 -12.90 -12.56
N LEU B 142 17.17 -13.23 -12.74
CA LEU B 142 16.23 -13.23 -11.62
C LEU B 142 16.61 -14.26 -10.56
N TYR B 143 17.05 -15.44 -10.99
CA TYR B 143 17.48 -16.45 -10.04
C TYR B 143 18.59 -15.91 -9.14
N GLN B 144 19.54 -15.17 -9.74
CA GLN B 144 20.62 -14.59 -8.94
C GLN B 144 20.11 -13.53 -7.98
N MET B 145 19.20 -12.67 -8.45
CA MET B 145 18.57 -11.69 -7.56
C MET B 145 18.00 -12.36 -6.32
N LEU B 146 17.22 -13.42 -6.51
CA LEU B 146 16.52 -14.04 -5.39
C LEU B 146 17.50 -14.74 -4.44
N CYS B 147 18.55 -15.35 -5.00
CA CYS B 147 19.58 -15.96 -4.15
C CYS B 147 20.20 -14.91 -3.23
N GLY B 148 20.55 -13.75 -3.78
CA GLY B 148 21.07 -12.68 -2.96
C GLY B 148 20.07 -12.22 -1.92
N ILE B 149 18.86 -11.88 -2.35
CA ILE B 149 17.81 -11.45 -1.43
C ILE B 149 17.62 -12.48 -0.32
N LYS B 150 17.52 -13.76 -0.69
CA LYS B 150 17.31 -14.78 0.32
C LYS B 150 18.43 -14.77 1.35
N HIS B 151 19.68 -14.68 0.89
CA HIS B 151 20.80 -14.69 1.83
C HIS B 151 20.70 -13.52 2.81
N LEU B 152 20.44 -12.32 2.29
CA LEU B 152 20.21 -11.17 3.16
C LEU B 152 19.15 -11.48 4.21
N HIS B 153 18.02 -12.03 3.77
CA HIS B 153 16.94 -12.34 4.69
C HIS B 153 17.41 -13.29 5.79
N SER B 154 18.08 -14.38 5.41
CA SER B 154 18.60 -15.32 6.40
C SER B 154 19.53 -14.62 7.38
N ALA B 155 20.20 -13.55 6.94
CA ALA B 155 21.05 -12.74 7.80
C ALA B 155 20.26 -11.71 8.61
N GLY B 156 18.93 -11.80 8.63
CA GLY B 156 18.13 -10.82 9.33
C GLY B 156 18.08 -9.46 8.67
N ILE B 157 18.40 -9.37 7.39
CA ILE B 157 18.44 -8.12 6.65
C ILE B 157 17.33 -8.12 5.61
N ILE B 158 16.40 -7.20 5.74
CA ILE B 158 15.40 -6.92 4.71
C ILE B 158 15.84 -5.65 4.00
N HIS B 159 16.09 -5.76 2.69
CA HIS B 159 16.62 -4.63 1.93
C HIS B 159 15.73 -3.41 2.06
N ARG B 160 14.45 -3.54 1.70
CA ARG B 160 13.43 -2.50 1.83
C ARG B 160 13.62 -1.38 0.81
N ASP B 161 14.53 -1.53 -0.14
CA ASP B 161 14.78 -0.46 -1.11
C ASP B 161 15.43 -0.99 -2.38
N LEU B 162 14.94 -2.12 -2.89
CA LEU B 162 15.45 -2.64 -4.14
C LEU B 162 14.99 -1.78 -5.31
N LYS B 163 15.84 -1.68 -6.32
CA LYS B 163 15.55 -0.93 -7.53
C LYS B 163 16.68 -1.21 -8.53
N PRO B 164 16.44 -0.95 -9.82
CA PRO B 164 17.45 -1.31 -10.83
C PRO B 164 18.80 -0.66 -10.58
N SER B 165 18.85 0.54 -10.00
CA SER B 165 20.12 1.19 -9.71
C SER B 165 20.87 0.54 -8.55
N ASN B 166 20.23 -0.34 -7.79
CA ASN B 166 20.87 -1.06 -6.69
C ASN B 166 21.32 -2.47 -7.11
N ILE B 167 21.10 -2.84 -8.36
CA ILE B 167 21.40 -4.18 -8.85
C ILE B 167 22.34 -4.05 -10.03
N VAL B 168 23.48 -4.74 -9.95
CA VAL B 168 24.56 -4.56 -10.91
C VAL B 168 24.89 -5.90 -11.55
N VAL B 169 25.33 -5.85 -12.81
CA VAL B 169 25.53 -7.02 -13.64
C VAL B 169 26.89 -6.93 -14.32
N LYS B 170 27.36 -8.07 -14.80
CA LYS B 170 28.64 -8.19 -15.48
C LYS B 170 28.43 -8.81 -16.86
N SER B 171 29.42 -8.61 -17.74
CA SER B 171 29.29 -9.08 -19.12
C SER B 171 29.17 -10.60 -19.21
N ASP B 172 29.63 -11.34 -18.21
CA ASP B 172 29.44 -12.78 -18.20
C ASP B 172 28.06 -13.19 -17.69
N CYS B 173 27.14 -12.24 -17.61
CA CYS B 173 25.76 -12.48 -17.18
C CYS B 173 25.66 -12.88 -15.72
N THR B 174 26.60 -12.42 -14.90
CA THR B 174 26.48 -12.55 -13.46
C THR B 174 25.79 -11.31 -12.90
N LEU B 175 25.20 -11.47 -11.72
CA LEU B 175 24.42 -10.41 -11.10
C LEU B 175 24.71 -10.36 -9.62
N LYS B 176 24.71 -9.16 -9.07
CA LYS B 176 24.91 -8.96 -7.64
C LYS B 176 24.00 -7.83 -7.16
N ILE B 177 23.61 -7.92 -5.89
CA ILE B 177 22.96 -6.82 -5.19
C ILE B 177 24.02 -5.90 -4.65
N LEU B 178 23.81 -4.59 -4.80
CA LEU B 178 24.87 -3.62 -4.62
C LEU B 178 25.09 -3.20 -3.17
N ASP B 179 24.00 -3.01 -2.40
CA ASP B 179 24.12 -2.54 -1.02
C ASP B 179 23.05 -3.23 -0.17
N PHE B 180 22.92 -2.79 1.08
CA PHE B 180 22.04 -3.42 2.06
C PHE B 180 20.73 -2.68 2.28
N GLY B 181 20.54 -1.52 1.68
CA GLY B 181 19.25 -0.86 1.70
C GLY B 181 19.07 0.22 2.76
N LEU B 182 17.83 0.39 3.22
CA LEU B 182 17.46 1.53 4.05
C LEU B 182 18.29 1.57 5.33
N ALA B 183 18.95 2.71 5.56
CA ALA B 183 19.70 2.99 6.77
C ALA B 183 20.89 2.06 6.96
N ARG B 184 21.16 1.20 5.98
CA ARG B 184 22.33 0.32 6.02
C ARG B 184 23.32 0.62 4.91
N THR B 185 23.14 1.74 4.19
CA THR B 185 23.97 2.10 3.05
C THR B 185 24.57 3.48 3.25
N ALA B 186 25.78 3.66 2.74
CA ALA B 186 26.51 4.92 2.85
C ALA B 186 27.06 5.28 1.48
N GLY B 187 26.44 6.24 0.82
CA GLY B 187 26.88 6.69 -0.49
C GLY B 187 26.45 5.75 -1.60
N THR B 188 26.46 6.27 -2.82
CA THR B 188 26.01 5.56 -4.01
C THR B 188 27.20 5.28 -4.91
N SER B 189 27.43 4.00 -5.22
CA SER B 189 28.49 3.60 -6.14
C SER B 189 28.10 3.96 -7.58
N PHE B 190 27.14 3.23 -8.13
CA PHE B 190 26.61 3.51 -9.47
C PHE B 190 25.55 4.59 -9.34
N MET B 191 26.00 5.82 -9.19
CA MET B 191 25.09 6.96 -9.02
C MET B 191 24.10 7.04 -10.17
N VAL B 196 16.50 7.15 -10.84
CA VAL B 196 15.71 6.03 -10.32
C VAL B 196 15.22 6.36 -8.92
N VAL B 197 13.91 6.53 -8.79
CA VAL B 197 13.29 6.96 -7.53
C VAL B 197 12.81 5.73 -6.79
N THR B 198 12.81 5.83 -5.45
CA THR B 198 12.46 4.68 -4.62
C THR B 198 10.97 4.38 -4.68
N ARG B 199 10.14 5.42 -4.72
CA ARG B 199 8.70 5.21 -4.57
C ARG B 199 8.14 4.28 -5.64
N TYR B 200 8.69 4.32 -6.86
CA TYR B 200 8.19 3.45 -7.93
C TYR B 200 8.16 1.99 -7.52
N TYR B 201 9.08 1.56 -6.66
CA TYR B 201 9.24 0.15 -6.32
C TYR B 201 8.88 -0.15 -4.87
N ARG B 202 8.33 0.83 -4.14
CA ARG B 202 7.98 0.62 -2.73
C ARG B 202 6.66 -0.14 -2.62
N ALA B 203 6.63 -1.11 -1.70
CA ALA B 203 5.46 -1.95 -1.57
C ALA B 203 4.31 -1.20 -0.89
N PRO B 204 3.07 -1.58 -1.16
CA PRO B 204 1.95 -0.80 -0.62
C PRO B 204 1.81 -0.91 0.89
N GLU B 205 2.18 -2.05 1.48
CA GLU B 205 2.06 -2.19 2.93
C GLU B 205 2.83 -1.09 3.66
N VAL B 206 3.97 -0.66 3.11
CA VAL B 206 4.68 0.47 3.69
C VAL B 206 3.87 1.75 3.53
N ILE B 207 3.44 2.04 2.30
CA ILE B 207 2.73 3.28 2.02
C ILE B 207 1.45 3.40 2.84
N LEU B 208 0.78 2.26 3.09
CA LEU B 208 -0.50 2.26 3.77
C LEU B 208 -0.37 2.11 5.29
N GLY B 209 0.80 2.42 5.84
CA GLY B 209 0.97 2.41 7.29
C GLY B 209 0.91 1.05 7.93
N MET B 210 1.13 -0.01 7.18
CA MET B 210 1.12 -1.36 7.69
C MET B 210 2.56 -1.83 7.94
N GLY B 211 2.69 -2.86 8.78
CA GLY B 211 3.99 -3.45 9.02
C GLY B 211 4.62 -3.98 7.75
N TYR B 212 5.71 -4.73 7.88
CA TYR B 212 6.33 -5.36 6.73
C TYR B 212 7.07 -6.61 7.17
N LYS B 213 7.02 -7.64 6.34
CA LYS B 213 7.77 -8.87 6.55
C LYS B 213 8.78 -9.03 5.42
N GLU B 214 9.41 -10.20 5.35
CA GLU B 214 10.50 -10.43 4.40
C GLU B 214 10.09 -10.07 2.97
N ASN B 215 8.85 -10.36 2.59
CA ASN B 215 8.47 -10.35 1.18
C ASN B 215 8.16 -8.96 0.63
N VAL B 216 8.44 -7.88 1.36
CA VAL B 216 8.39 -6.56 0.73
C VAL B 216 9.38 -6.48 -0.41
N ASP B 217 10.54 -7.11 -0.25
CA ASP B 217 11.52 -7.13 -1.32
C ASP B 217 10.97 -7.84 -2.56
N LEU B 218 10.01 -8.74 -2.37
CA LEU B 218 9.47 -9.47 -3.52
C LEU B 218 8.56 -8.60 -4.35
N TRP B 219 7.83 -7.68 -3.72
CA TRP B 219 7.11 -6.67 -4.50
C TRP B 219 8.05 -5.96 -5.45
N SER B 220 9.21 -5.52 -4.95
CA SER B 220 10.16 -4.80 -5.78
C SER B 220 10.68 -5.67 -6.92
N VAL B 221 11.01 -6.94 -6.63
CA VAL B 221 11.38 -7.85 -7.69
C VAL B 221 10.28 -7.94 -8.74
N GLY B 222 9.02 -7.95 -8.29
CA GLY B 222 7.90 -7.93 -9.22
C GLY B 222 7.93 -6.71 -10.12
N CYS B 223 8.18 -5.53 -9.53
CA CYS B 223 8.25 -4.31 -10.32
C CYS B 223 9.48 -4.29 -11.22
N ILE B 224 10.61 -4.79 -10.73
CA ILE B 224 11.82 -4.84 -11.54
C ILE B 224 11.66 -5.86 -12.66
N MET B 225 11.09 -7.03 -12.35
CA MET B 225 10.85 -8.03 -13.38
C MET B 225 9.86 -7.50 -14.42
N GLY B 226 8.78 -6.88 -13.97
CA GLY B 226 7.82 -6.31 -14.91
C GLY B 226 8.47 -5.30 -15.82
N GLU B 227 9.18 -4.33 -15.25
CA GLU B 227 9.86 -3.32 -16.04
C GLU B 227 10.82 -3.94 -17.05
N MET B 228 11.45 -5.06 -16.69
CA MET B 228 12.30 -5.77 -17.65
C MET B 228 11.49 -6.28 -18.82
N VAL B 229 10.26 -6.74 -18.57
CA VAL B 229 9.44 -7.33 -19.62
C VAL B 229 8.99 -6.26 -20.60
N CYS B 230 8.38 -5.18 -20.10
CA CYS B 230 7.76 -4.17 -20.95
C CYS B 230 8.64 -2.94 -21.13
N HIS B 231 9.82 -2.88 -20.51
CA HIS B 231 10.76 -1.79 -20.72
C HIS B 231 10.19 -0.45 -20.25
N LYS B 232 9.33 -0.48 -19.24
CA LYS B 232 8.70 0.73 -18.72
C LYS B 232 8.45 0.56 -17.23
N ILE B 233 8.43 1.70 -16.53
CA ILE B 233 8.07 1.70 -15.11
C ILE B 233 6.61 1.29 -14.97
N LEU B 234 6.36 0.26 -14.14
CA LEU B 234 5.01 -0.23 -13.96
C LEU B 234 4.11 0.86 -13.38
N PHE B 235 4.49 1.41 -12.23
CA PHE B 235 3.67 2.37 -11.48
C PHE B 235 4.43 3.68 -11.36
N PRO B 236 4.32 4.59 -12.34
CA PRO B 236 5.05 5.86 -12.24
C PRO B 236 4.23 6.97 -11.59
N GLY B 237 4.34 7.11 -10.27
CA GLY B 237 3.58 8.10 -9.54
C GLY B 237 4.38 9.35 -9.23
N ARG B 238 3.66 10.43 -8.93
CA ARG B 238 4.31 11.71 -8.63
C ARG B 238 4.86 11.73 -7.21
N ASP B 239 4.13 11.17 -6.26
CA ASP B 239 4.60 11.05 -4.88
C ASP B 239 4.18 9.68 -4.35
N TYR B 240 4.38 9.46 -3.05
CA TYR B 240 4.03 8.16 -2.46
C TYR B 240 2.54 7.89 -2.58
N ILE B 241 1.70 8.87 -2.25
CA ILE B 241 0.26 8.68 -2.32
C ILE B 241 -0.16 8.31 -3.73
N ASP B 242 0.27 9.09 -4.72
CA ASP B 242 -0.06 8.77 -6.11
C ASP B 242 0.41 7.38 -6.49
N GLN B 243 1.40 6.83 -5.79
CA GLN B 243 1.82 5.46 -6.04
C GLN B 243 0.66 4.49 -5.81
N TRP B 244 -0.12 4.72 -4.75
CA TRP B 244 -1.26 3.86 -4.47
C TRP B 244 -2.29 3.95 -5.59
N ASN B 245 -2.49 5.14 -6.14
CA ASN B 245 -3.43 5.29 -7.25
C ASN B 245 -2.98 4.48 -8.45
N LYS B 246 -1.68 4.52 -8.77
CA LYS B 246 -1.18 3.79 -9.93
C LYS B 246 -1.28 2.29 -9.73
N VAL B 247 -1.28 1.82 -8.47
CA VAL B 247 -1.32 0.39 -8.20
C VAL B 247 -2.73 -0.15 -8.45
N ILE B 248 -3.73 0.45 -7.81
CA ILE B 248 -5.09 -0.08 -7.90
C ILE B 248 -5.64 0.12 -9.31
N GLU B 249 -5.17 1.13 -10.04
CA GLU B 249 -5.59 1.29 -11.42
C GLU B 249 -5.19 0.10 -12.27
N GLN B 250 -4.02 -0.49 -11.98
CA GLN B 250 -3.52 -1.62 -12.74
C GLN B 250 -3.94 -2.96 -12.14
N LEU B 251 -3.80 -3.10 -10.82
CA LEU B 251 -4.05 -4.36 -10.14
C LEU B 251 -5.44 -4.45 -9.50
N GLY B 252 -6.21 -3.37 -9.54
CA GLY B 252 -7.56 -3.40 -9.00
C GLY B 252 -7.64 -3.17 -7.51
N THR B 253 -8.70 -2.49 -7.09
CA THR B 253 -8.90 -2.21 -5.67
C THR B 253 -8.91 -3.53 -4.88
N PRO B 254 -8.15 -3.64 -3.79
CA PRO B 254 -8.13 -4.90 -3.02
C PRO B 254 -9.48 -5.18 -2.37
N CYS B 255 -9.62 -6.43 -1.92
CA CYS B 255 -10.88 -6.91 -1.40
C CYS B 255 -11.14 -6.34 0.00
N PRO B 256 -12.36 -6.48 0.52
CA PRO B 256 -12.66 -5.88 1.83
C PRO B 256 -11.90 -6.51 2.99
N GLU B 257 -11.49 -7.77 2.89
CA GLU B 257 -10.75 -8.39 3.98
C GLU B 257 -9.39 -7.73 4.16
N PHE B 258 -8.85 -7.14 3.09
CA PHE B 258 -7.59 -6.40 3.19
C PHE B 258 -7.82 -5.03 3.81
N MET B 259 -8.93 -4.37 3.48
CA MET B 259 -9.23 -3.07 4.06
C MET B 259 -9.33 -3.12 5.57
N LYS B 260 -9.84 -4.23 6.11
CA LYS B 260 -9.99 -4.36 7.56
C LYS B 260 -8.64 -4.38 8.27
N LYS B 261 -7.56 -4.71 7.57
CA LYS B 261 -6.23 -4.68 8.16
C LYS B 261 -5.66 -3.28 8.26
N LEU B 262 -6.18 -2.33 7.47
CA LEU B 262 -5.70 -0.96 7.50
C LEU B 262 -6.09 -0.27 8.80
N GLN B 263 -5.39 0.83 9.10
CA GLN B 263 -5.69 1.62 10.28
C GLN B 263 -6.75 2.67 9.95
N PRO B 264 -7.44 3.21 10.97
CA PRO B 264 -8.60 4.06 10.68
C PRO B 264 -8.34 5.15 9.66
N THR B 265 -7.29 5.95 9.84
CA THR B 265 -7.02 7.05 8.92
C THR B 265 -6.76 6.53 7.52
N VAL B 266 -5.98 5.45 7.39
CA VAL B 266 -5.64 4.94 6.07
C VAL B 266 -6.86 4.29 5.43
N ARG B 267 -7.64 3.54 6.21
CA ARG B 267 -8.84 2.91 5.66
C ARG B 267 -9.82 3.97 5.16
N THR B 268 -9.98 5.06 5.92
CA THR B 268 -10.83 6.14 5.46
C THR B 268 -10.36 6.70 4.12
N TYR B 269 -9.04 6.85 3.95
CA TYR B 269 -8.53 7.38 2.69
C TYR B 269 -8.66 6.36 1.57
N VAL B 270 -8.34 5.10 1.84
CA VAL B 270 -8.32 4.09 0.80
C VAL B 270 -9.73 3.77 0.32
N GLU B 271 -10.69 3.62 1.24
CA GLU B 271 -12.04 3.22 0.86
C GLU B 271 -12.81 4.34 0.18
N ASN B 272 -12.30 5.56 0.16
CA ASN B 272 -12.91 6.66 -0.58
C ASN B 272 -12.20 6.93 -1.91
N ARG B 273 -11.31 6.04 -2.33
CA ARG B 273 -10.70 6.13 -3.64
C ARG B 273 -11.69 5.63 -4.70
N PRO B 274 -11.53 6.07 -5.95
CA PRO B 274 -12.30 5.45 -7.03
C PRO B 274 -12.01 3.96 -7.11
N LYS B 275 -13.07 3.17 -7.22
CA LYS B 275 -12.92 1.72 -7.29
C LYS B 275 -12.47 1.30 -8.68
N TYR B 276 -11.51 0.38 -8.73
CA TYR B 276 -10.95 -0.10 -9.99
C TYR B 276 -11.03 -1.62 -10.05
N ALA B 277 -11.38 -2.14 -11.23
CA ALA B 277 -11.44 -3.57 -11.42
C ALA B 277 -10.04 -4.17 -11.54
N GLY B 278 -9.17 -3.52 -12.31
CA GLY B 278 -7.83 -4.02 -12.52
C GLY B 278 -7.74 -4.99 -13.68
N TYR B 279 -6.71 -4.83 -14.51
CA TYR B 279 -6.53 -5.69 -15.65
C TYR B 279 -5.91 -7.03 -15.23
N SER B 280 -6.25 -8.07 -15.98
CA SER B 280 -5.60 -9.35 -15.76
C SER B 280 -4.12 -9.26 -16.11
N PHE B 281 -3.34 -10.22 -15.62
CA PHE B 281 -1.92 -10.22 -15.91
C PHE B 281 -1.65 -10.61 -17.37
N GLU B 282 -2.64 -11.18 -18.05
CA GLU B 282 -2.51 -11.37 -19.50
C GLU B 282 -2.58 -10.03 -20.22
N LYS B 283 -3.45 -9.13 -19.76
CA LYS B 283 -3.53 -7.80 -20.34
C LYS B 283 -2.35 -6.94 -19.91
N LEU B 284 -1.92 -7.07 -18.66
CA LEU B 284 -0.77 -6.30 -18.18
C LEU B 284 0.49 -6.70 -18.92
N PHE B 285 0.68 -8.00 -19.16
CA PHE B 285 1.88 -8.53 -19.79
C PHE B 285 1.47 -9.50 -20.89
N PRO B 286 1.11 -8.99 -22.07
CA PRO B 286 0.74 -9.87 -23.18
C PRO B 286 1.93 -10.70 -23.64
N ASP B 287 1.64 -11.62 -24.58
CA ASP B 287 2.68 -12.49 -25.13
C ASP B 287 3.60 -11.74 -26.08
N VAL B 288 3.16 -10.62 -26.66
CA VAL B 288 4.01 -9.88 -27.58
C VAL B 288 5.23 -9.33 -26.87
N LEU B 289 5.12 -9.03 -25.58
CA LEU B 289 6.25 -8.51 -24.83
C LEU B 289 7.33 -9.57 -24.64
N PHE B 290 6.94 -10.84 -24.53
CA PHE B 290 7.87 -11.93 -24.33
C PHE B 290 8.36 -12.48 -25.67
N PRO B 291 9.45 -13.24 -25.66
CA PRO B 291 9.80 -14.02 -26.86
C PRO B 291 8.92 -15.26 -26.95
N ALA B 292 8.11 -15.33 -28.01
CA ALA B 292 7.09 -16.37 -28.14
C ALA B 292 7.06 -16.84 -29.60
N ASP B 293 7.92 -17.80 -29.91
CA ASP B 293 7.96 -18.42 -31.23
C ASP B 293 8.44 -19.85 -31.09
N SER B 294 7.73 -20.63 -30.29
CA SER B 294 8.10 -22.03 -30.02
C SER B 294 7.11 -22.60 -29.00
N GLU B 295 7.05 -23.93 -28.94
CA GLU B 295 6.28 -24.58 -27.89
C GLU B 295 6.91 -24.31 -26.52
N HIS B 296 8.23 -24.17 -26.47
CA HIS B 296 8.92 -23.88 -25.22
C HIS B 296 8.83 -22.40 -24.87
N ASN B 297 8.87 -21.53 -25.87
CA ASN B 297 8.86 -20.09 -25.61
C ASN B 297 7.48 -19.61 -25.16
N LYS B 298 6.42 -20.08 -25.82
CA LYS B 298 5.07 -19.68 -25.42
C LYS B 298 4.73 -20.19 -24.02
N LEU B 299 5.27 -21.34 -23.63
CA LEU B 299 5.09 -21.83 -22.27
C LEU B 299 5.89 -20.99 -21.28
N LYS B 300 7.16 -20.71 -21.61
CA LYS B 300 7.98 -19.88 -20.74
C LYS B 300 7.36 -18.51 -20.52
N ALA B 301 6.66 -17.98 -21.52
CA ALA B 301 6.00 -16.69 -21.37
C ALA B 301 4.91 -16.76 -20.29
N SER B 302 4.18 -17.88 -20.23
CA SER B 302 3.13 -18.02 -19.22
C SER B 302 3.71 -18.21 -17.84
N GLN B 303 4.85 -18.89 -17.72
CA GLN B 303 5.49 -19.07 -16.42
C GLN B 303 5.98 -17.75 -15.85
N ALA B 304 6.59 -16.91 -16.70
CA ALA B 304 7.00 -15.58 -16.24
C ALA B 304 5.79 -14.77 -15.81
N ARG B 305 4.69 -14.87 -16.55
CA ARG B 305 3.47 -14.16 -16.19
C ARG B 305 2.90 -14.69 -14.87
N ASP B 306 2.99 -16.00 -14.65
CA ASP B 306 2.51 -16.57 -13.40
C ASP B 306 3.32 -16.09 -12.22
N LEU B 307 4.65 -16.10 -12.34
CA LEU B 307 5.50 -15.59 -11.28
C LEU B 307 5.20 -14.12 -11.00
N LEU B 308 5.01 -13.33 -12.06
CA LEU B 308 4.66 -11.93 -11.88
C LEU B 308 3.38 -11.77 -11.07
N SER B 309 2.36 -12.59 -11.37
CA SER B 309 1.08 -12.50 -10.67
C SER B 309 1.16 -12.97 -9.22
N LYS B 310 2.24 -13.66 -8.84
CA LYS B 310 2.44 -14.08 -7.45
C LYS B 310 3.31 -13.12 -6.67
N MET B 311 4.05 -12.23 -7.34
CA MET B 311 4.84 -11.22 -6.67
C MET B 311 4.11 -9.88 -6.60
N LEU B 312 3.52 -9.44 -7.70
CA LEU B 312 2.78 -8.17 -7.73
C LEU B 312 1.40 -8.40 -7.14
N VAL B 313 1.37 -8.53 -5.82
CA VAL B 313 0.16 -8.77 -5.04
C VAL B 313 0.14 -7.77 -3.91
N ILE B 314 -0.81 -6.83 -3.95
CA ILE B 314 -0.98 -5.83 -2.91
C ILE B 314 -0.95 -6.49 -1.53
N ASP B 315 -1.86 -7.43 -1.29
CA ASP B 315 -1.95 -8.11 -0.01
C ASP B 315 -0.71 -8.99 0.18
N ALA B 316 0.17 -8.59 1.10
CA ALA B 316 1.42 -9.31 1.30
C ALA B 316 1.21 -10.68 1.94
N SER B 317 0.08 -10.90 2.59
CA SER B 317 -0.23 -12.23 3.11
C SER B 317 -0.52 -13.23 2.00
N LYS B 318 -0.92 -12.76 0.82
CA LYS B 318 -1.16 -13.60 -0.34
C LYS B 318 0.00 -13.57 -1.33
N ARG B 319 1.04 -12.81 -1.05
CA ARG B 319 2.22 -12.73 -1.91
C ARG B 319 3.22 -13.80 -1.50
N ILE B 320 3.83 -14.44 -2.48
CA ILE B 320 4.67 -15.60 -2.21
C ILE B 320 5.96 -15.15 -1.53
N SER B 321 6.76 -16.12 -1.09
CA SER B 321 8.01 -15.85 -0.40
C SER B 321 9.18 -15.96 -1.36
N VAL B 322 10.36 -15.60 -0.87
CA VAL B 322 11.58 -15.76 -1.66
C VAL B 322 11.84 -17.24 -1.91
N ASP B 323 11.67 -18.07 -0.87
CA ASP B 323 11.83 -19.51 -1.02
C ASP B 323 10.91 -20.06 -2.10
N GLU B 324 9.63 -19.66 -2.05
CA GLU B 324 8.69 -20.14 -3.05
C GLU B 324 9.04 -19.62 -4.44
N ALA B 325 9.52 -18.37 -4.53
CA ALA B 325 9.91 -17.83 -5.82
C ALA B 325 11.04 -18.65 -6.45
N LEU B 326 11.94 -19.18 -5.63
CA LEU B 326 13.02 -20.02 -6.15
C LEU B 326 12.56 -21.40 -6.56
N GLN B 327 11.41 -21.85 -6.09
CA GLN B 327 10.83 -23.12 -6.50
C GLN B 327 9.89 -22.98 -7.70
N HIS B 328 9.70 -21.77 -8.20
CA HIS B 328 8.78 -21.56 -9.31
C HIS B 328 9.35 -22.19 -10.59
N PRO B 329 8.50 -22.77 -11.45
CA PRO B 329 9.03 -23.37 -12.69
C PRO B 329 9.91 -22.44 -13.50
N TYR B 330 9.63 -21.13 -13.48
CA TYR B 330 10.40 -20.20 -14.31
C TYR B 330 11.80 -19.99 -13.75
N ILE B 331 12.00 -20.14 -12.44
CA ILE B 331 13.28 -19.87 -11.80
C ILE B 331 14.01 -21.16 -11.45
N ASN B 332 13.29 -22.19 -11.05
CA ASN B 332 13.89 -23.38 -10.46
C ASN B 332 14.86 -24.10 -11.40
N VAL B 333 14.86 -23.78 -12.70
CA VAL B 333 15.72 -24.49 -13.63
C VAL B 333 17.18 -24.39 -13.21
N TRP B 334 17.57 -23.24 -12.67
CA TRP B 334 18.96 -23.00 -12.31
C TRP B 334 19.26 -23.34 -10.85
N TYR B 335 18.28 -23.80 -10.09
CA TYR B 335 18.44 -23.97 -8.65
C TYR B 335 19.69 -24.79 -8.34
N ASP B 336 20.43 -24.32 -7.33
CA ASP B 336 21.62 -25.01 -6.83
C ASP B 336 21.68 -24.81 -5.32
N PRO B 337 21.59 -25.87 -4.51
CA PRO B 337 21.52 -25.65 -3.05
C PRO B 337 22.69 -24.88 -2.49
N SER B 338 23.87 -24.95 -3.12
CA SER B 338 25.02 -24.20 -2.64
C SER B 338 24.84 -22.69 -2.81
N GLU B 339 23.87 -22.26 -3.63
CA GLU B 339 23.60 -20.86 -3.88
C GLU B 339 22.31 -20.37 -3.24
N ALA B 340 21.29 -21.22 -3.19
CA ALA B 340 19.99 -20.84 -2.67
C ALA B 340 19.78 -21.30 -1.23
N GLU B 341 20.72 -22.05 -0.65
CA GLU B 341 20.57 -22.57 0.71
C GLU B 341 21.88 -22.42 1.47
N ALA B 342 22.60 -21.33 1.25
CA ALA B 342 23.89 -21.15 1.89
C ALA B 342 23.72 -20.80 3.36
N PRO B 343 24.66 -21.19 4.22
CA PRO B 343 24.52 -20.92 5.65
C PRO B 343 24.41 -19.43 5.92
N PRO B 344 23.60 -19.02 6.89
CA PRO B 344 23.50 -17.58 7.18
C PRO B 344 24.73 -17.09 7.90
N PRO B 345 25.07 -15.80 7.76
CA PRO B 345 26.22 -15.27 8.50
C PRO B 345 25.90 -15.10 9.97
N LYS B 346 26.96 -15.07 10.78
CA LYS B 346 26.85 -14.85 12.21
C LYS B 346 27.23 -13.40 12.50
N ILE B 347 26.22 -12.56 12.63
CA ILE B 347 26.42 -11.13 12.89
C ILE B 347 26.76 -10.97 14.37
N PRO B 348 27.68 -10.09 14.75
CA PRO B 348 27.98 -9.93 16.18
C PRO B 348 26.76 -9.38 16.92
N ASP B 349 26.58 -9.85 18.15
CA ASP B 349 25.36 -9.59 18.90
C ASP B 349 25.13 -8.09 19.08
N LYS B 350 23.96 -7.61 18.63
CA LYS B 350 23.48 -6.28 18.97
C LYS B 350 24.40 -5.18 18.46
N GLN B 351 24.78 -5.29 17.18
CA GLN B 351 25.62 -4.28 16.55
C GLN B 351 24.80 -3.23 15.79
N LEU B 352 23.67 -3.63 15.20
CA LEU B 352 22.91 -2.77 14.31
C LEU B 352 21.68 -2.15 14.99
N ASP B 353 21.69 -2.05 16.32
CA ASP B 353 20.55 -1.47 17.02
C ASP B 353 20.56 0.05 16.88
N GLU B 354 19.46 0.67 17.31
CA GLU B 354 19.29 2.12 17.24
C GLU B 354 19.95 2.84 18.41
N ARG B 355 21.12 2.37 18.85
CA ARG B 355 21.79 2.96 20.01
C ARG B 355 22.34 4.33 19.63
N GLU B 356 21.94 5.36 20.38
CA GLU B 356 22.46 6.70 20.16
C GLU B 356 23.85 6.84 20.77
N HIS B 357 24.71 7.59 20.10
CA HIS B 357 26.09 7.80 20.54
C HIS B 357 26.48 9.25 20.31
N THR B 358 27.58 9.65 20.94
CA THR B 358 28.18 10.94 20.66
C THR B 358 29.01 10.86 19.38
N ILE B 359 29.35 12.02 18.84
CA ILE B 359 30.17 12.05 17.63
C ILE B 359 31.54 11.45 17.90
N GLU B 360 32.04 11.59 19.13
CA GLU B 360 33.32 10.98 19.47
C GLU B 360 33.18 9.47 19.63
N GLU B 361 32.07 9.01 20.22
CA GLU B 361 31.83 7.58 20.33
C GLU B 361 31.74 6.94 18.95
N TRP B 362 31.05 7.60 18.01
CA TRP B 362 30.97 7.07 16.65
C TRP B 362 32.36 7.04 16.00
N LYS B 363 33.12 8.13 16.14
CA LYS B 363 34.45 8.18 15.54
C LYS B 363 35.32 7.02 16.02
N GLU B 364 35.21 6.66 17.29
CA GLU B 364 36.03 5.58 17.84
C GLU B 364 35.55 4.22 17.34
N LEU B 365 34.23 4.00 17.34
CA LEU B 365 33.69 2.75 16.83
C LEU B 365 34.08 2.55 15.37
N ILE B 366 33.91 3.60 14.55
CA ILE B 366 34.24 3.50 13.13
C ILE B 366 35.74 3.36 12.93
N TYR B 367 36.53 4.12 13.70
CA TYR B 367 37.98 4.01 13.58
C TYR B 367 38.46 2.62 13.97
N LYS B 368 37.86 2.04 15.01
CA LYS B 368 38.23 0.69 15.43
C LYS B 368 38.02 -0.32 14.30
N GLU B 369 37.03 -0.09 13.44
CA GLU B 369 36.73 -1.01 12.36
C GLU B 369 37.59 -0.79 11.11
N VAL B 370 38.31 0.32 11.02
CA VAL B 370 39.02 0.68 9.81
C VAL B 370 40.54 0.63 9.98
N MET B 371 41.06 0.83 11.19
CA MET B 371 42.50 0.77 11.40
C MET B 371 43.04 -0.59 10.98
N ASP B 372 44.25 -0.59 10.42
CA ASP B 372 44.91 -1.83 10.02
C ASP B 372 45.30 -2.65 11.25
N PRO C 2 19.61 -27.32 -19.51
CA PRO C 2 20.10 -26.18 -20.26
C PRO C 2 21.28 -25.48 -19.58
N LYS C 3 22.22 -24.97 -20.37
CA LYS C 3 23.38 -24.29 -19.82
C LYS C 3 22.98 -22.93 -19.25
N ARG C 4 23.79 -22.45 -18.32
CA ARG C 4 23.61 -21.11 -17.76
C ARG C 4 24.19 -20.07 -18.72
N PRO C 5 23.48 -18.99 -19.01
CA PRO C 5 24.05 -17.95 -19.88
C PRO C 5 25.40 -17.50 -19.38
N THR C 6 26.35 -17.38 -20.31
CA THR C 6 27.72 -16.98 -19.98
C THR C 6 28.09 -15.62 -20.56
N THR C 7 27.15 -14.92 -21.19
CA THR C 7 27.43 -13.65 -21.83
C THR C 7 26.25 -12.71 -21.65
N LEU C 8 26.53 -11.42 -21.80
CA LEU C 8 25.49 -10.39 -21.68
C LEU C 8 26.03 -9.13 -22.34
N ASN C 9 25.52 -8.81 -23.53
CA ASN C 9 26.02 -7.68 -24.30
C ASN C 9 25.67 -6.37 -23.59
N LEU C 10 26.68 -5.71 -23.04
CA LEU C 10 26.50 -4.45 -22.34
C LEU C 10 27.14 -3.32 -23.13
N PHE C 11 26.77 -2.09 -22.77
CA PHE C 11 27.28 -0.89 -23.43
C PHE C 11 28.46 -0.31 -22.65
#